data_1WR3
#
_entry.id   1WR3
#
_entity_poly.entity_id   1
_entity_poly.type   'polypeptide(L)'
_entity_poly.pdbx_seq_one_letter_code
;GSPPLPPGWEEKVDNLGRTYYVNHNNRSTQWHRPSL
;
_entity_poly.pdbx_strand_id   A
#
# COMPACT_ATOMS: atom_id res chain seq x y z
N GLY A 1 9.39 -1.96 -12.53
CA GLY A 1 7.95 -1.63 -12.31
C GLY A 1 7.08 -2.17 -13.42
N SER A 2 7.29 -3.43 -13.79
CA SER A 2 6.51 -4.05 -14.85
C SER A 2 5.20 -4.64 -14.29
N PRO A 3 5.25 -5.57 -13.31
CA PRO A 3 4.06 -6.11 -12.70
C PRO A 3 3.60 -5.27 -11.51
N PRO A 4 2.28 -5.20 -11.27
CA PRO A 4 1.71 -4.43 -10.17
C PRO A 4 1.98 -5.08 -8.81
N LEU A 5 1.87 -4.29 -7.76
CA LEU A 5 2.03 -4.79 -6.42
C LEU A 5 0.91 -5.78 -6.07
N PRO A 6 1.18 -6.73 -5.16
CA PRO A 6 0.29 -7.88 -4.90
C PRO A 6 -1.17 -7.49 -4.70
N PRO A 7 -2.08 -8.35 -5.20
CA PRO A 7 -3.53 -8.12 -5.10
C PRO A 7 -3.99 -8.01 -3.65
N GLY A 8 -4.75 -6.97 -3.37
CA GLY A 8 -5.18 -6.72 -2.02
C GLY A 8 -4.51 -5.50 -1.44
N TRP A 9 -3.45 -5.05 -2.09
CA TRP A 9 -2.78 -3.84 -1.69
C TRP A 9 -3.44 -2.63 -2.34
N GLU A 10 -3.87 -1.68 -1.53
CA GLU A 10 -4.62 -0.54 -2.02
C GLU A 10 -3.84 0.76 -1.80
N GLU A 11 -3.75 1.57 -2.85
CA GLU A 11 -3.06 2.85 -2.76
C GLU A 11 -3.92 3.88 -2.04
N LYS A 12 -3.51 4.22 -0.82
CA LYS A 12 -4.28 5.13 0.01
C LYS A 12 -3.41 6.25 0.55
N VAL A 13 -3.77 7.48 0.22
CA VAL A 13 -3.04 8.63 0.74
C VAL A 13 -3.57 8.97 2.14
N ASP A 14 -2.70 9.45 3.01
CA ASP A 14 -3.10 9.83 4.36
C ASP A 14 -3.46 11.31 4.41
N ASN A 15 -3.85 11.78 5.59
CA ASN A 15 -4.29 13.15 5.78
C ASN A 15 -3.16 14.15 5.50
N LEU A 16 -1.92 13.75 5.78
CA LEU A 16 -0.78 14.62 5.55
C LEU A 16 -0.42 14.67 4.06
N GLY A 17 -0.52 13.52 3.40
CA GLY A 17 -0.30 13.47 1.97
C GLY A 17 0.66 12.40 1.54
N ARG A 18 0.78 11.35 2.34
CA ARG A 18 1.66 10.24 2.00
C ARG A 18 0.83 9.06 1.50
N THR A 19 0.90 8.83 0.20
CA THR A 19 0.18 7.74 -0.43
C THR A 19 0.79 6.40 -0.04
N TYR A 20 0.25 5.80 1.00
CA TYR A 20 0.74 4.52 1.48
C TYR A 20 -0.03 3.38 0.83
N TYR A 21 0.36 2.15 1.15
CA TYR A 21 -0.29 0.98 0.59
C TYR A 21 -0.95 0.17 1.70
N VAL A 22 -2.27 0.14 1.69
CA VAL A 22 -2.99 -0.62 2.69
C VAL A 22 -3.31 -2.02 2.19
N ASN A 23 -2.61 -3.00 2.74
CA ASN A 23 -2.88 -4.39 2.45
C ASN A 23 -4.24 -4.77 3.03
N HIS A 24 -5.14 -5.27 2.20
CA HIS A 24 -6.50 -5.56 2.65
C HIS A 24 -6.55 -6.81 3.53
N ASN A 25 -5.57 -7.67 3.38
CA ASN A 25 -5.57 -8.95 4.08
C ASN A 25 -5.26 -8.78 5.57
N ASN A 26 -4.17 -8.08 5.87
CA ASN A 26 -3.71 -7.90 7.25
C ASN A 26 -3.82 -6.44 7.68
N ARG A 27 -4.13 -5.57 6.71
CA ARG A 27 -4.26 -4.12 6.92
C ARG A 27 -2.94 -3.51 7.38
N SER A 28 -1.85 -3.99 6.81
CA SER A 28 -0.54 -3.44 7.07
C SER A 28 -0.37 -2.13 6.30
N THR A 29 -0.67 -1.03 6.96
CA THR A 29 -0.65 0.29 6.33
C THR A 29 0.75 0.91 6.33
N GLN A 30 1.58 0.50 5.39
CA GLN A 30 2.95 1.01 5.28
C GLN A 30 3.06 1.98 4.10
N TRP A 31 3.98 2.94 4.17
CA TRP A 31 4.20 3.87 3.06
C TRP A 31 5.55 3.65 2.40
N HIS A 32 6.06 2.42 2.40
CA HIS A 32 7.35 2.15 1.75
C HIS A 32 7.21 1.12 0.65
N ARG A 33 5.97 0.71 0.39
CA ARG A 33 5.65 -0.27 -0.65
C ARG A 33 6.18 -1.67 -0.33
N PRO A 34 5.35 -2.70 -0.50
CA PRO A 34 5.76 -4.09 -0.31
C PRO A 34 6.65 -4.59 -1.44
N SER A 35 7.72 -3.84 -1.69
CA SER A 35 8.66 -4.16 -2.75
C SER A 35 9.86 -3.24 -2.66
N LEU A 36 10.81 -3.44 -3.56
CA LEU A 36 11.92 -2.53 -3.70
C LEU A 36 11.68 -1.64 -4.91
N GLY A 1 4.80 2.09 -9.33
CA GLY A 1 5.82 1.55 -8.41
C GLY A 1 6.73 0.55 -9.09
N SER A 2 7.75 0.10 -8.37
CA SER A 2 8.68 -0.88 -8.90
C SER A 2 8.06 -2.28 -8.96
N PRO A 3 7.53 -2.82 -7.84
CA PRO A 3 6.97 -4.17 -7.82
C PRO A 3 5.50 -4.21 -8.22
N PRO A 4 5.04 -5.34 -8.78
CA PRO A 4 3.63 -5.57 -9.04
C PRO A 4 2.87 -5.69 -7.72
N LEU A 5 1.81 -4.89 -7.58
CA LEU A 5 1.05 -4.84 -6.34
C LEU A 5 0.27 -6.13 -6.14
N PRO A 6 0.58 -6.87 -5.07
CA PRO A 6 -0.09 -8.14 -4.75
C PRO A 6 -1.58 -7.94 -4.46
N PRO A 7 -2.39 -8.95 -4.76
CA PRO A 7 -3.85 -8.89 -4.60
C PRO A 7 -4.26 -8.66 -3.15
N GLY A 8 -4.77 -7.46 -2.90
CA GLY A 8 -5.17 -7.09 -1.55
C GLY A 8 -4.62 -5.74 -1.15
N TRP A 9 -3.54 -5.33 -1.81
CA TRP A 9 -2.92 -4.04 -1.52
C TRP A 9 -3.66 -2.92 -2.24
N GLU A 10 -3.92 -1.83 -1.53
CA GLU A 10 -4.63 -0.69 -2.10
C GLU A 10 -3.85 0.61 -1.89
N GLU A 11 -3.80 1.44 -2.93
CA GLU A 11 -3.08 2.72 -2.84
C GLU A 11 -3.95 3.78 -2.19
N LYS A 12 -3.54 4.21 -1.01
CA LYS A 12 -4.28 5.20 -0.25
C LYS A 12 -3.35 6.28 0.28
N VAL A 13 -3.71 7.54 0.06
CA VAL A 13 -2.93 8.63 0.64
C VAL A 13 -3.48 8.99 2.02
N ASP A 14 -2.61 9.45 2.90
CA ASP A 14 -3.02 9.81 4.26
C ASP A 14 -3.32 11.30 4.36
N ASN A 15 -3.73 11.73 5.55
CA ASN A 15 -4.13 13.12 5.79
C ASN A 15 -2.98 14.10 5.59
N LEU A 16 -1.74 13.64 5.74
CA LEU A 16 -0.59 14.53 5.64
C LEU A 16 0.03 14.49 4.24
N GLY A 17 -0.55 13.68 3.37
CA GLY A 17 -0.11 13.63 2.00
C GLY A 17 0.90 12.53 1.72
N ARG A 18 0.90 11.51 2.56
CA ARG A 18 1.80 10.39 2.37
C ARG A 18 1.04 9.24 1.73
N THR A 19 1.23 9.07 0.43
CA THR A 19 0.62 7.98 -0.30
C THR A 19 1.18 6.64 0.16
N TYR A 20 0.36 5.85 0.85
CA TYR A 20 0.79 4.57 1.35
C TYR A 20 0.03 3.45 0.66
N TYR A 21 0.33 2.23 1.04
CA TYR A 21 -0.36 1.08 0.50
C TYR A 21 -0.97 0.28 1.64
N VAL A 22 -2.28 0.16 1.60
CA VAL A 22 -3.00 -0.52 2.65
C VAL A 22 -3.39 -1.92 2.20
N ASN A 23 -2.76 -2.91 2.82
CA ASN A 23 -3.12 -4.29 2.59
C ASN A 23 -4.52 -4.54 3.15
N HIS A 24 -5.34 -5.27 2.43
CA HIS A 24 -6.68 -5.56 2.87
C HIS A 24 -6.72 -6.86 3.66
N ASN A 25 -5.64 -7.63 3.56
CA ASN A 25 -5.58 -8.94 4.20
C ASN A 25 -5.13 -8.79 5.66
N ASN A 26 -3.83 -8.65 5.87
CA ASN A 26 -3.30 -8.41 7.22
C ASN A 26 -3.56 -6.97 7.63
N ARG A 27 -3.71 -6.11 6.63
CA ARG A 27 -4.05 -4.69 6.80
C ARG A 27 -2.87 -3.88 7.33
N SER A 28 -1.74 -4.00 6.66
CA SER A 28 -0.60 -3.15 6.91
C SER A 28 -0.74 -1.82 6.17
N THR A 29 -0.77 -0.72 6.92
CA THR A 29 -0.88 0.61 6.32
C THR A 29 0.51 1.23 6.21
N GLN A 30 1.33 0.66 5.34
CA GLN A 30 2.72 1.05 5.25
C GLN A 30 2.99 1.91 4.02
N TRP A 31 3.71 3.01 4.21
CA TRP A 31 4.00 3.93 3.12
C TRP A 31 5.29 3.58 2.41
N HIS A 32 6.07 2.67 2.98
CA HIS A 32 7.34 2.27 2.36
C HIS A 32 7.10 1.35 1.18
N ARG A 33 5.81 1.13 0.86
CA ARG A 33 5.40 0.25 -0.23
C ARG A 33 5.76 -1.20 0.08
N PRO A 34 5.03 -2.18 -0.45
CA PRO A 34 5.29 -3.60 -0.16
C PRO A 34 6.68 -4.02 -0.61
N SER A 35 7.22 -3.25 -1.52
CA SER A 35 8.58 -3.43 -2.02
C SER A 35 9.04 -2.13 -2.68
N LEU A 36 10.32 -1.84 -2.60
CA LEU A 36 10.87 -0.67 -3.26
C LEU A 36 11.97 -1.10 -4.22
N GLY A 1 -0.56 -8.32 -11.03
CA GLY A 1 -1.00 -7.56 -12.23
C GLY A 1 0.12 -6.75 -12.84
N SER A 2 -0.22 -5.79 -13.67
CA SER A 2 0.78 -4.93 -14.31
C SER A 2 1.57 -4.14 -13.26
N PRO A 3 0.91 -3.37 -12.36
CA PRO A 3 1.59 -2.73 -11.25
C PRO A 3 1.93 -3.76 -10.17
N PRO A 4 3.22 -3.92 -9.85
CA PRO A 4 3.69 -4.90 -8.87
C PRO A 4 3.12 -4.65 -7.47
N LEU A 5 2.10 -5.40 -7.14
CA LEU A 5 1.41 -5.25 -5.87
C LEU A 5 0.81 -6.60 -5.44
N PRO A 6 1.21 -7.10 -4.27
CA PRO A 6 0.67 -8.34 -3.71
C PRO A 6 -0.83 -8.24 -3.45
N PRO A 7 -1.55 -9.39 -3.52
CA PRO A 7 -3.01 -9.42 -3.43
C PRO A 7 -3.57 -8.85 -2.13
N GLY A 8 -4.21 -7.70 -2.22
CA GLY A 8 -4.83 -7.09 -1.07
C GLY A 8 -4.40 -5.66 -0.87
N TRP A 9 -3.22 -5.33 -1.37
CA TRP A 9 -2.64 -4.01 -1.14
C TRP A 9 -3.41 -2.93 -1.92
N GLU A 10 -3.86 -1.92 -1.20
CA GLU A 10 -4.60 -0.83 -1.81
C GLU A 10 -3.84 0.48 -1.65
N GLU A 11 -3.97 1.38 -2.61
CA GLU A 11 -3.25 2.65 -2.57
C GLU A 11 -4.09 3.74 -1.91
N LYS A 12 -3.58 4.29 -0.83
CA LYS A 12 -4.28 5.32 -0.09
C LYS A 12 -3.36 6.48 0.24
N VAL A 13 -3.86 7.69 0.18
CA VAL A 13 -3.12 8.85 0.66
C VAL A 13 -3.70 9.30 2.01
N ASP A 14 -2.83 9.65 2.94
CA ASP A 14 -3.25 10.06 4.27
C ASP A 14 -3.53 11.55 4.33
N ASN A 15 -3.75 12.07 5.53
CA ASN A 15 -4.06 13.49 5.73
C ASN A 15 -2.85 14.38 5.46
N LEU A 16 -1.65 13.83 5.62
CA LEU A 16 -0.43 14.60 5.42
C LEU A 16 -0.06 14.65 3.94
N GLY A 17 -0.54 13.67 3.19
CA GLY A 17 -0.27 13.63 1.77
C GLY A 17 0.78 12.60 1.42
N ARG A 18 0.86 11.57 2.25
CA ARG A 18 1.81 10.49 2.05
C ARG A 18 1.10 9.30 1.42
N THR A 19 1.44 9.00 0.18
CA THR A 19 0.85 7.87 -0.52
C THR A 19 1.31 6.56 0.11
N TYR A 20 0.41 5.92 0.84
CA TYR A 20 0.74 4.66 1.47
C TYR A 20 -0.08 3.53 0.87
N TYR A 21 0.28 2.33 1.21
CA TYR A 21 -0.43 1.17 0.74
C TYR A 21 -1.01 0.43 1.92
N VAL A 22 -2.28 0.10 1.82
CA VAL A 22 -2.99 -0.57 2.88
C VAL A 22 -3.41 -1.96 2.42
N ASN A 23 -2.86 -2.98 3.05
CA ASN A 23 -3.21 -4.34 2.72
C ASN A 23 -4.65 -4.62 3.15
N HIS A 24 -5.40 -5.31 2.33
CA HIS A 24 -6.75 -5.70 2.68
C HIS A 24 -6.76 -7.12 3.21
N ASN A 25 -5.61 -7.77 3.15
CA ASN A 25 -5.46 -9.13 3.65
C ASN A 25 -5.16 -9.11 5.14
N ASN A 26 -4.08 -8.44 5.53
CA ASN A 26 -3.72 -8.35 6.94
C ASN A 26 -3.82 -6.91 7.44
N ARG A 27 -4.19 -6.01 6.55
CA ARG A 27 -4.39 -4.59 6.87
C ARG A 27 -3.15 -3.92 7.46
N SER A 28 -2.04 -4.07 6.74
CA SER A 28 -0.82 -3.35 7.06
C SER A 28 -0.81 -2.01 6.31
N THR A 29 -0.30 -0.96 6.95
CA THR A 29 -0.35 0.38 6.38
C THR A 29 1.05 0.99 6.26
N GLN A 30 1.80 0.59 5.25
CA GLN A 30 3.14 1.11 5.05
C GLN A 30 3.19 2.10 3.89
N TRP A 31 3.92 3.19 4.06
CA TRP A 31 4.09 4.18 3.00
C TRP A 31 5.42 4.00 2.28
N HIS A 32 6.01 2.82 2.39
CA HIS A 32 7.27 2.56 1.69
C HIS A 32 7.05 1.62 0.53
N ARG A 33 5.77 1.34 0.25
CA ARG A 33 5.36 0.47 -0.85
C ARG A 33 5.75 -0.98 -0.56
N PRO A 34 4.88 -1.94 -0.90
CA PRO A 34 5.17 -3.35 -0.74
C PRO A 34 5.95 -3.89 -1.92
N SER A 35 7.19 -3.46 -2.03
CA SER A 35 8.03 -3.84 -3.16
C SER A 35 9.39 -4.32 -2.68
N LEU A 36 10.07 -5.07 -3.52
CA LEU A 36 11.43 -5.50 -3.21
C LEU A 36 12.41 -4.43 -3.65
N GLY A 1 11.22 -7.26 -11.53
CA GLY A 1 11.73 -5.88 -11.45
C GLY A 1 10.78 -4.99 -10.69
N SER A 2 10.15 -4.06 -11.38
CA SER A 2 9.14 -3.18 -10.77
C SER A 2 7.79 -3.91 -10.71
N PRO A 3 7.39 -4.34 -9.51
CA PRO A 3 6.15 -5.09 -9.31
C PRO A 3 4.95 -4.17 -9.12
N PRO A 4 3.77 -4.59 -9.58
CA PRO A 4 2.54 -3.82 -9.41
C PRO A 4 2.13 -3.72 -7.95
N LEU A 5 1.31 -4.66 -7.48
CA LEU A 5 0.88 -4.68 -6.10
C LEU A 5 0.37 -6.07 -5.74
N PRO A 6 0.77 -6.62 -4.57
CA PRO A 6 0.31 -7.93 -4.12
C PRO A 6 -1.18 -7.90 -3.75
N PRO A 7 -1.83 -9.07 -3.72
CA PRO A 7 -3.27 -9.19 -3.45
C PRO A 7 -3.69 -8.52 -2.15
N GLY A 8 -4.57 -7.54 -2.26
CA GLY A 8 -5.14 -6.91 -1.08
C GLY A 8 -4.60 -5.52 -0.84
N TRP A 9 -3.48 -5.19 -1.43
CA TRP A 9 -2.84 -3.90 -1.20
C TRP A 9 -3.52 -2.80 -2.02
N GLU A 10 -3.69 -1.64 -1.41
CA GLU A 10 -4.33 -0.51 -2.07
C GLU A 10 -3.50 0.76 -1.89
N GLU A 11 -3.35 1.52 -2.97
CA GLU A 11 -2.65 2.79 -2.91
C GLU A 11 -3.58 3.91 -2.47
N LYS A 12 -3.30 4.49 -1.33
CA LYS A 12 -4.13 5.54 -0.77
C LYS A 12 -3.27 6.71 -0.31
N VAL A 13 -3.90 7.80 0.11
CA VAL A 13 -3.17 8.89 0.73
C VAL A 13 -3.72 9.14 2.13
N ASP A 14 -2.82 9.33 3.08
CA ASP A 14 -3.20 9.49 4.48
C ASP A 14 -3.70 10.91 4.77
N ASN A 15 -3.99 11.15 6.04
CA ASN A 15 -4.48 12.46 6.50
C ASN A 15 -3.50 13.59 6.16
N LEU A 16 -2.21 13.28 6.22
CA LEU A 16 -1.18 14.27 5.96
C LEU A 16 -0.93 14.41 4.46
N GLY A 17 -0.91 13.29 3.74
CA GLY A 17 -0.77 13.34 2.31
C GLY A 17 0.32 12.44 1.76
N ARG A 18 0.64 11.37 2.49
CA ARG A 18 1.62 10.40 1.99
C ARG A 18 0.87 9.29 1.30
N THR A 19 1.26 8.98 0.08
CA THR A 19 0.62 7.92 -0.66
C THR A 19 1.09 6.57 -0.15
N TYR A 20 0.30 5.99 0.75
CA TYR A 20 0.69 4.75 1.39
C TYR A 20 -0.09 3.58 0.82
N TYR A 21 0.39 2.38 1.12
CA TYR A 21 -0.18 1.18 0.56
C TYR A 21 -0.82 0.37 1.68
N VAL A 22 -2.14 0.37 1.69
CA VAL A 22 -2.89 -0.28 2.74
C VAL A 22 -3.28 -1.69 2.32
N ASN A 23 -2.79 -2.67 3.05
CA ASN A 23 -3.13 -4.06 2.80
C ASN A 23 -4.55 -4.34 3.33
N HIS A 24 -5.32 -5.13 2.61
CA HIS A 24 -6.70 -5.41 3.02
C HIS A 24 -6.84 -6.82 3.59
N ASN A 25 -5.76 -7.60 3.54
CA ASN A 25 -5.76 -8.96 4.04
C ASN A 25 -5.48 -8.97 5.54
N ASN A 26 -4.26 -8.61 5.91
CA ASN A 26 -3.89 -8.50 7.32
C ASN A 26 -3.88 -7.05 7.74
N ARG A 27 -4.06 -6.17 6.75
CA ARG A 27 -4.19 -4.73 6.97
C ARG A 27 -2.90 -4.08 7.46
N SER A 28 -1.79 -4.46 6.84
CA SER A 28 -0.53 -3.76 7.03
C SER A 28 -0.57 -2.41 6.33
N THR A 29 -0.19 -1.35 7.04
CA THR A 29 -0.30 0.01 6.50
C THR A 29 1.06 0.69 6.41
N GLN A 30 1.84 0.35 5.39
CA GLN A 30 3.13 1.00 5.17
C GLN A 30 3.05 1.96 3.99
N TRP A 31 3.85 3.03 4.02
CA TRP A 31 3.82 3.99 2.94
C TRP A 31 4.73 3.57 1.78
N HIS A 32 5.24 2.36 1.85
CA HIS A 32 6.13 1.84 0.80
C HIS A 32 5.59 0.54 0.23
N ARG A 33 5.75 0.36 -1.07
CA ARG A 33 5.32 -0.85 -1.76
C ARG A 33 6.03 -2.08 -1.21
N PRO A 34 5.24 -3.08 -0.77
CA PRO A 34 5.76 -4.33 -0.19
C PRO A 34 6.40 -5.26 -1.23
N SER A 35 7.40 -4.76 -1.94
CA SER A 35 8.16 -5.56 -2.91
C SER A 35 9.40 -4.83 -3.34
N LEU A 36 9.17 -3.67 -3.89
CA LEU A 36 10.23 -2.80 -4.39
C LEU A 36 9.66 -1.40 -4.58
N GLY A 1 7.02 -11.14 -0.58
CA GLY A 1 6.70 -9.82 -1.18
C GLY A 1 7.07 -9.78 -2.65
N SER A 2 6.52 -8.80 -3.36
CA SER A 2 6.78 -8.69 -4.79
C SER A 2 6.94 -7.22 -5.17
N PRO A 3 7.84 -6.93 -6.14
CA PRO A 3 8.03 -5.58 -6.68
C PRO A 3 6.72 -4.93 -7.18
N PRO A 4 5.88 -5.63 -7.98
CA PRO A 4 4.55 -5.14 -8.34
C PRO A 4 3.57 -5.35 -7.19
N LEU A 5 2.50 -4.56 -7.18
CA LEU A 5 1.52 -4.62 -6.10
C LEU A 5 0.84 -5.99 -6.03
N PRO A 6 1.08 -6.73 -4.94
CA PRO A 6 0.45 -8.03 -4.72
C PRO A 6 -1.03 -7.88 -4.38
N PRO A 7 -1.82 -8.96 -4.53
CA PRO A 7 -3.25 -8.95 -4.20
C PRO A 7 -3.50 -8.61 -2.73
N GLY A 8 -4.52 -7.81 -2.48
CA GLY A 8 -4.82 -7.39 -1.12
C GLY A 8 -4.20 -6.05 -0.80
N TRP A 9 -3.38 -5.54 -1.71
CA TRP A 9 -2.72 -4.26 -1.50
C TRP A 9 -3.44 -3.15 -2.26
N GLU A 10 -3.60 -2.01 -1.59
CA GLU A 10 -4.27 -0.87 -2.17
C GLU A 10 -3.49 0.41 -1.88
N GLU A 11 -3.39 1.29 -2.88
CA GLU A 11 -2.74 2.58 -2.68
C GLU A 11 -3.70 3.55 -1.99
N LYS A 12 -3.38 3.91 -0.76
CA LYS A 12 -4.25 4.76 0.05
C LYS A 12 -3.47 5.95 0.57
N VAL A 13 -4.05 7.13 0.43
CA VAL A 13 -3.39 8.35 0.87
C VAL A 13 -3.85 8.74 2.27
N ASP A 14 -2.88 9.07 3.12
CA ASP A 14 -3.16 9.62 4.43
C ASP A 14 -3.37 11.13 4.29
N ASN A 15 -4.12 11.73 5.21
CA ASN A 15 -4.49 13.14 5.10
C ASN A 15 -3.30 14.08 5.26
N LEU A 16 -2.15 13.54 5.66
CA LEU A 16 -0.92 14.33 5.69
C LEU A 16 -0.33 14.44 4.29
N GLY A 17 -0.90 13.68 3.36
CA GLY A 17 -0.42 13.69 1.99
C GLY A 17 0.60 12.60 1.74
N ARG A 18 0.47 11.50 2.46
CA ARG A 18 1.40 10.39 2.31
C ARG A 18 0.69 9.22 1.64
N THR A 19 0.99 9.01 0.37
CA THR A 19 0.45 7.89 -0.37
C THR A 19 1.06 6.60 0.14
N TYR A 20 0.36 5.93 1.04
CA TYR A 20 0.85 4.67 1.56
C TYR A 20 0.13 3.51 0.89
N TYR A 21 0.59 2.32 1.16
CA TYR A 21 0.01 1.15 0.56
C TYR A 21 -0.56 0.27 1.64
N VAL A 22 -1.87 0.14 1.61
CA VAL A 22 -2.61 -0.53 2.65
C VAL A 22 -3.03 -1.92 2.20
N ASN A 23 -2.83 -2.90 3.05
CA ASN A 23 -3.33 -4.22 2.76
C ASN A 23 -4.77 -4.32 3.25
N HIS A 24 -5.57 -5.16 2.63
CA HIS A 24 -6.98 -5.27 2.99
C HIS A 24 -7.25 -6.52 3.80
N ASN A 25 -6.43 -7.54 3.61
CA ASN A 25 -6.61 -8.81 4.31
C ASN A 25 -5.70 -8.88 5.55
N ASN A 26 -4.53 -8.26 5.45
CA ASN A 26 -3.62 -8.17 6.60
C ASN A 26 -3.69 -6.77 7.20
N ARG A 27 -4.09 -5.81 6.36
CA ARG A 27 -4.24 -4.40 6.74
C ARG A 27 -2.95 -3.81 7.30
N SER A 28 -1.86 -4.01 6.57
CA SER A 28 -0.62 -3.31 6.85
C SER A 28 -0.64 -1.94 6.15
N THR A 29 -0.10 -0.93 6.80
CA THR A 29 -0.16 0.43 6.28
C THR A 29 1.23 1.06 6.20
N GLN A 30 1.97 0.70 5.16
CA GLN A 30 3.32 1.22 4.97
C GLN A 30 3.33 2.24 3.85
N TRP A 31 4.16 3.28 3.98
CA TRP A 31 4.24 4.28 2.93
C TRP A 31 5.48 4.09 2.08
N HIS A 32 6.02 2.88 2.03
CA HIS A 32 7.22 2.64 1.24
C HIS A 32 6.96 1.69 0.07
N ARG A 33 5.73 1.21 -0.01
CA ARG A 33 5.29 0.34 -1.11
C ARG A 33 5.98 -1.02 -1.08
N PRO A 34 5.20 -2.10 -1.25
CA PRO A 34 5.76 -3.45 -1.36
C PRO A 34 6.72 -3.57 -2.54
N SER A 35 8.00 -3.68 -2.23
CA SER A 35 9.03 -3.85 -3.25
C SER A 35 10.13 -4.76 -2.73
N LEU A 36 11.15 -4.99 -3.53
CA LEU A 36 12.28 -5.78 -3.09
C LEU A 36 13.55 -4.95 -3.15
N GLY A 1 14.94 -8.81 -5.33
CA GLY A 1 13.91 -8.06 -4.59
C GLY A 1 13.30 -6.96 -5.42
N SER A 2 12.29 -7.30 -6.20
CA SER A 2 11.57 -6.35 -7.04
C SER A 2 10.19 -6.91 -7.42
N PRO A 3 9.32 -7.13 -6.43
CA PRO A 3 8.01 -7.72 -6.66
C PRO A 3 6.93 -6.67 -6.92
N PRO A 4 5.97 -6.99 -7.79
CA PRO A 4 4.84 -6.12 -8.05
C PRO A 4 3.85 -6.09 -6.88
N LEU A 5 3.02 -5.08 -6.82
CA LEU A 5 2.07 -4.91 -5.74
C LEU A 5 1.06 -6.05 -5.72
N PRO A 6 1.06 -6.86 -4.66
CA PRO A 6 0.09 -7.95 -4.49
C PRO A 6 -1.34 -7.41 -4.44
N PRO A 7 -2.32 -8.24 -4.85
CA PRO A 7 -3.72 -7.80 -4.99
C PRO A 7 -4.40 -7.53 -3.65
N GLY A 8 -3.69 -7.80 -2.57
CA GLY A 8 -4.20 -7.49 -1.25
C GLY A 8 -3.74 -6.12 -0.79
N TRP A 9 -3.29 -5.29 -1.72
CA TRP A 9 -2.80 -3.96 -1.37
C TRP A 9 -3.56 -2.87 -2.10
N GLU A 10 -3.67 -1.71 -1.47
CA GLU A 10 -4.32 -0.56 -2.08
C GLU A 10 -3.51 0.72 -1.82
N GLU A 11 -3.38 1.56 -2.84
CA GLU A 11 -2.70 2.84 -2.68
C GLU A 11 -3.68 3.89 -2.19
N LYS A 12 -3.47 4.39 -0.99
CA LYS A 12 -4.35 5.38 -0.38
C LYS A 12 -3.53 6.51 0.22
N VAL A 13 -4.15 7.68 0.37
CA VAL A 13 -3.51 8.79 1.05
C VAL A 13 -3.94 8.80 2.51
N ASP A 14 -2.99 9.00 3.41
CA ASP A 14 -3.24 8.94 4.84
C ASP A 14 -4.18 10.08 5.29
N ASN A 15 -3.74 11.30 5.06
CA ASN A 15 -4.41 12.51 5.54
C ASN A 15 -3.49 13.71 5.32
N LEU A 16 -2.18 13.45 5.40
CA LEU A 16 -1.18 14.47 5.16
C LEU A 16 -0.86 14.56 3.68
N GLY A 17 -0.85 13.41 3.02
CA GLY A 17 -0.50 13.36 1.62
C GLY A 17 0.50 12.28 1.32
N ARG A 18 0.72 11.40 2.29
CA ARG A 18 1.66 10.30 2.13
C ARG A 18 0.92 9.10 1.57
N THR A 19 1.10 8.85 0.28
CA THR A 19 0.44 7.76 -0.38
C THR A 19 1.00 6.42 0.10
N TYR A 20 0.28 5.79 0.99
CA TYR A 20 0.71 4.53 1.55
C TYR A 20 -0.04 3.38 0.92
N TYR A 21 0.39 2.18 1.23
CA TYR A 21 -0.23 0.99 0.72
C TYR A 21 -0.90 0.26 1.86
N VAL A 22 -2.21 0.10 1.75
CA VAL A 22 -2.97 -0.56 2.78
C VAL A 22 -3.36 -1.96 2.33
N ASN A 23 -2.88 -2.96 3.06
CA ASN A 23 -3.25 -4.33 2.77
C ASN A 23 -4.72 -4.55 3.14
N HIS A 24 -5.43 -5.33 2.35
CA HIS A 24 -6.86 -5.56 2.59
C HIS A 24 -7.07 -6.78 3.45
N ASN A 25 -6.06 -7.64 3.51
CA ASN A 25 -6.14 -8.88 4.26
C ASN A 25 -5.37 -8.77 5.58
N ASN A 26 -4.18 -8.19 5.53
CA ASN A 26 -3.35 -8.02 6.73
C ASN A 26 -3.46 -6.58 7.25
N ARG A 27 -3.97 -5.71 6.38
CA ARG A 27 -4.11 -4.27 6.67
C ARG A 27 -2.81 -3.65 7.20
N SER A 28 -1.70 -4.10 6.66
CA SER A 28 -0.41 -3.46 6.92
C SER A 28 -0.41 -2.09 6.26
N THR A 29 -0.24 -1.05 7.04
CA THR A 29 -0.34 0.31 6.54
C THR A 29 1.03 0.98 6.42
N GLN A 30 1.82 0.52 5.47
CA GLN A 30 3.15 1.07 5.26
C GLN A 30 3.17 1.98 4.04
N TRP A 31 3.96 3.04 4.13
CA TRP A 31 4.17 3.94 3.00
C TRP A 31 5.50 3.61 2.35
N HIS A 32 6.10 2.49 2.73
CA HIS A 32 7.42 2.13 2.24
C HIS A 32 7.32 1.12 1.11
N ARG A 33 6.09 0.74 0.77
CA ARG A 33 5.80 -0.24 -0.28
C ARG A 33 6.28 -1.63 0.11
N PRO A 34 5.48 -2.67 -0.18
CA PRO A 34 5.84 -4.04 0.14
C PRO A 34 6.87 -4.62 -0.83
N SER A 35 7.90 -3.85 -1.11
CA SER A 35 9.00 -4.29 -1.94
C SER A 35 10.17 -4.69 -1.07
N LEU A 36 10.60 -5.93 -1.18
CA LEU A 36 11.69 -6.44 -0.35
C LEU A 36 12.89 -6.77 -1.22
N GLY A 1 -4.94 -8.66 -14.83
CA GLY A 1 -3.51 -8.49 -14.50
C GLY A 1 -2.89 -7.34 -15.25
N SER A 2 -2.47 -6.32 -14.53
CA SER A 2 -1.84 -5.15 -15.14
C SER A 2 -0.80 -4.52 -14.21
N PRO A 3 -1.16 -4.11 -12.97
CA PRO A 3 -0.21 -3.47 -12.05
C PRO A 3 0.73 -4.48 -11.38
N PRO A 4 1.93 -4.02 -10.96
CA PRO A 4 2.88 -4.86 -10.24
C PRO A 4 2.51 -5.00 -8.76
N LEU A 5 1.54 -4.20 -8.32
CA LEU A 5 1.06 -4.26 -6.95
C LEU A 5 0.25 -5.53 -6.73
N PRO A 6 0.61 -6.33 -5.73
CA PRO A 6 -0.05 -7.61 -5.45
C PRO A 6 -1.51 -7.44 -5.01
N PRO A 7 -2.34 -8.45 -5.27
CA PRO A 7 -3.76 -8.44 -4.90
C PRO A 7 -3.95 -8.33 -3.39
N GLY A 8 -4.77 -7.39 -2.97
CA GLY A 8 -4.98 -7.16 -1.55
C GLY A 8 -4.21 -5.93 -1.07
N TRP A 9 -3.57 -5.24 -2.00
CA TRP A 9 -2.91 -3.98 -1.70
C TRP A 9 -3.66 -2.84 -2.37
N GLU A 10 -3.87 -1.75 -1.63
CA GLU A 10 -4.61 -0.61 -2.16
C GLU A 10 -3.83 0.69 -1.96
N GLU A 11 -3.71 1.48 -3.02
CA GLU A 11 -3.02 2.76 -2.95
C GLU A 11 -3.92 3.80 -2.29
N LYS A 12 -3.45 4.34 -1.18
CA LYS A 12 -4.19 5.34 -0.43
C LYS A 12 -3.29 6.49 -0.02
N VAL A 13 -3.88 7.61 0.35
CA VAL A 13 -3.13 8.73 0.91
C VAL A 13 -3.71 9.08 2.28
N ASP A 14 -2.85 9.43 3.22
CA ASP A 14 -3.28 9.75 4.58
C ASP A 14 -3.64 11.23 4.70
N ASN A 15 -3.90 11.68 5.93
CA ASN A 15 -4.31 13.06 6.17
C ASN A 15 -3.17 14.04 5.89
N LEU A 16 -1.93 13.56 5.94
CA LEU A 16 -0.77 14.43 5.73
C LEU A 16 -0.42 14.51 4.25
N GLY A 17 -0.60 13.40 3.54
CA GLY A 17 -0.27 13.36 2.12
C GLY A 17 0.72 12.28 1.80
N ARG A 18 0.80 11.28 2.67
CA ARG A 18 1.71 10.17 2.49
C ARG A 18 1.03 9.08 1.67
N THR A 19 1.42 8.95 0.41
CA THR A 19 0.87 7.90 -0.42
C THR A 19 1.34 6.53 0.07
N TYR A 20 0.44 5.82 0.72
CA TYR A 20 0.74 4.52 1.29
C TYR A 20 -0.06 3.44 0.62
N TYR A 21 0.26 2.20 0.93
CA TYR A 21 -0.42 1.06 0.35
C TYR A 21 -1.00 0.21 1.46
N VAL A 22 -2.32 0.15 1.52
CA VAL A 22 -3.00 -0.56 2.57
C VAL A 22 -3.34 -1.98 2.14
N ASN A 23 -2.74 -2.94 2.81
CA ASN A 23 -3.09 -4.33 2.60
C ASN A 23 -4.49 -4.59 3.17
N HIS A 24 -5.30 -5.37 2.47
CA HIS A 24 -6.66 -5.62 2.89
C HIS A 24 -6.80 -7.00 3.51
N ASN A 25 -5.67 -7.63 3.78
CA ASN A 25 -5.66 -8.95 4.41
C ASN A 25 -5.14 -8.82 5.83
N ASN A 26 -3.89 -8.37 5.93
CA ASN A 26 -3.25 -8.12 7.22
C ASN A 26 -3.42 -6.66 7.63
N ARG A 27 -3.85 -5.84 6.66
CA ARG A 27 -4.12 -4.42 6.87
C ARG A 27 -2.89 -3.67 7.36
N SER A 28 -1.74 -3.99 6.79
CA SER A 28 -0.52 -3.26 7.08
C SER A 28 -0.50 -1.96 6.29
N THR A 29 -0.70 -0.86 7.00
CA THR A 29 -0.78 0.46 6.37
C THR A 29 0.60 1.09 6.29
N GLN A 30 1.44 0.58 5.40
CA GLN A 30 2.80 1.06 5.28
C GLN A 30 2.97 1.96 4.06
N TRP A 31 3.71 3.05 4.23
CA TRP A 31 3.87 4.03 3.16
C TRP A 31 5.14 3.80 2.34
N HIS A 32 5.93 2.80 2.71
CA HIS A 32 7.19 2.56 2.01
C HIS A 32 7.04 1.53 0.91
N ARG A 33 5.79 1.17 0.59
CA ARG A 33 5.51 0.14 -0.42
C ARG A 33 6.00 -1.22 0.06
N PRO A 34 5.37 -2.31 -0.40
CA PRO A 34 5.83 -3.69 -0.09
C PRO A 34 7.23 -4.00 -0.62
N SER A 35 8.23 -3.24 -0.14
CA SER A 35 9.64 -3.48 -0.40
C SER A 35 9.96 -3.72 -1.88
N LEU A 36 9.38 -2.91 -2.76
CA LEU A 36 9.64 -2.99 -4.19
C LEU A 36 9.08 -1.76 -4.89
N GLY A 1 5.90 -6.13 -17.68
CA GLY A 1 4.63 -5.47 -17.27
C GLY A 1 3.98 -6.17 -16.10
N SER A 2 3.90 -5.47 -14.97
CA SER A 2 3.33 -6.02 -13.75
C SER A 2 2.93 -4.88 -12.82
N PRO A 3 1.74 -4.97 -12.21
CA PRO A 3 1.28 -3.96 -11.25
C PRO A 3 2.24 -3.82 -10.06
N PRO A 4 2.73 -2.60 -9.82
CA PRO A 4 3.69 -2.32 -8.73
C PRO A 4 3.09 -2.62 -7.36
N LEU A 5 1.78 -2.51 -7.26
CA LEU A 5 1.07 -2.82 -6.03
C LEU A 5 0.34 -4.15 -6.19
N PRO A 6 0.70 -5.15 -5.36
CA PRO A 6 0.06 -6.47 -5.40
C PRO A 6 -1.43 -6.42 -5.09
N PRO A 7 -2.23 -7.28 -5.74
CA PRO A 7 -3.68 -7.32 -5.58
C PRO A 7 -4.10 -7.63 -4.15
N GLY A 8 -4.59 -6.61 -3.47
CA GLY A 8 -4.90 -6.70 -2.07
C GLY A 8 -4.34 -5.52 -1.33
N TRP A 9 -3.42 -4.81 -1.98
CA TRP A 9 -2.88 -3.58 -1.45
C TRP A 9 -3.66 -2.40 -2.03
N GLU A 10 -3.89 -1.38 -1.21
CA GLU A 10 -4.63 -0.21 -1.64
C GLU A 10 -3.80 1.05 -1.51
N GLU A 11 -3.60 1.75 -2.62
CA GLU A 11 -2.90 3.01 -2.63
C GLU A 11 -3.81 4.13 -2.10
N LYS A 12 -3.54 4.57 -0.88
CA LYS A 12 -4.37 5.58 -0.24
C LYS A 12 -3.51 6.73 0.27
N VAL A 13 -3.97 7.95 0.07
CA VAL A 13 -3.29 9.10 0.62
C VAL A 13 -3.73 9.29 2.07
N ASP A 14 -2.76 9.58 2.93
CA ASP A 14 -3.01 9.75 4.36
C ASP A 14 -3.99 10.89 4.62
N ASN A 15 -3.71 12.02 3.99
CA ASN A 15 -4.48 13.25 4.18
C ASN A 15 -3.78 14.39 3.45
N LEU A 16 -2.48 14.47 3.64
CA LEU A 16 -1.70 15.56 3.09
C LEU A 16 -0.98 15.13 1.81
N GLY A 17 -0.37 13.95 1.81
CA GLY A 17 0.35 13.51 0.64
C GLY A 17 1.34 12.38 0.90
N ARG A 18 1.08 11.55 1.90
CA ARG A 18 1.88 10.35 2.08
C ARG A 18 1.05 9.15 1.63
N THR A 19 1.17 8.85 0.34
CA THR A 19 0.44 7.75 -0.26
C THR A 19 0.91 6.42 0.30
N TYR A 20 0.16 5.88 1.24
CA TYR A 20 0.50 4.61 1.82
C TYR A 20 -0.27 3.49 1.13
N TYR A 21 0.14 2.28 1.41
CA TYR A 21 -0.41 1.11 0.77
C TYR A 21 -1.01 0.22 1.83
N VAL A 22 -2.32 0.24 1.94
CA VAL A 22 -3.00 -0.53 2.96
C VAL A 22 -3.38 -1.90 2.41
N ASN A 23 -2.75 -2.91 2.96
CA ASN A 23 -3.05 -4.28 2.60
C ASN A 23 -4.43 -4.65 3.13
N HIS A 24 -5.18 -5.45 2.40
CA HIS A 24 -6.53 -5.83 2.82
C HIS A 24 -6.58 -7.26 3.32
N ASN A 25 -5.43 -7.90 3.38
CA ASN A 25 -5.34 -9.28 3.83
C ASN A 25 -5.05 -9.30 5.33
N ASN A 26 -3.86 -8.82 5.68
CA ASN A 26 -3.48 -8.67 7.09
C ASN A 26 -3.66 -7.23 7.53
N ARG A 27 -3.86 -6.36 6.54
CA ARG A 27 -4.17 -4.95 6.76
C ARG A 27 -3.00 -4.18 7.36
N SER A 28 -1.82 -4.37 6.77
CA SER A 28 -0.66 -3.56 7.07
C SER A 28 -0.79 -2.22 6.34
N THR A 29 -0.53 -1.13 7.05
CA THR A 29 -0.71 0.20 6.49
C THR A 29 0.63 0.93 6.40
N GLN A 30 1.45 0.52 5.44
CA GLN A 30 2.80 1.06 5.30
C GLN A 30 2.90 2.03 4.13
N TRP A 31 3.67 3.11 4.29
CA TRP A 31 3.90 4.04 3.19
C TRP A 31 5.14 3.64 2.41
N HIS A 32 5.67 2.46 2.68
CA HIS A 32 6.75 1.92 1.89
C HIS A 32 6.24 0.70 1.13
N ARG A 33 6.51 0.64 -0.16
CA ARG A 33 5.93 -0.38 -1.01
C ARG A 33 6.66 -1.71 -0.86
N PRO A 34 5.90 -2.79 -0.61
CA PRO A 34 6.45 -4.14 -0.54
C PRO A 34 7.12 -4.54 -1.86
N SER A 35 8.44 -4.44 -1.88
CA SER A 35 9.21 -4.67 -3.09
C SER A 35 9.15 -6.13 -3.53
N LEU A 36 8.86 -6.34 -4.79
CA LEU A 36 8.86 -7.67 -5.37
C LEU A 36 9.46 -7.60 -6.77
N GLY A 1 5.17 -9.36 -12.23
CA GLY A 1 3.75 -9.02 -11.97
C GLY A 1 3.22 -8.01 -12.96
N SER A 2 2.10 -8.33 -13.59
CA SER A 2 1.48 -7.42 -14.54
C SER A 2 0.89 -6.19 -13.83
N PRO A 3 0.05 -6.38 -12.80
CA PRO A 3 -0.43 -5.27 -11.97
C PRO A 3 0.68 -4.77 -11.05
N PRO A 4 0.88 -3.44 -10.99
CA PRO A 4 1.93 -2.82 -10.15
C PRO A 4 1.72 -3.11 -8.66
N LEU A 5 0.48 -3.39 -8.30
CA LEU A 5 0.15 -3.69 -6.92
C LEU A 5 -0.29 -5.15 -6.78
N PRO A 6 0.23 -5.87 -5.77
CA PRO A 6 -0.18 -7.24 -5.51
C PRO A 6 -1.63 -7.33 -5.05
N PRO A 7 -2.27 -8.50 -5.26
CA PRO A 7 -3.68 -8.70 -4.91
C PRO A 7 -3.95 -8.50 -3.42
N GLY A 8 -4.56 -7.38 -3.09
CA GLY A 8 -4.89 -7.10 -1.71
C GLY A 8 -4.18 -5.89 -1.17
N TRP A 9 -3.60 -5.10 -2.06
CA TRP A 9 -2.99 -3.84 -1.67
C TRP A 9 -3.78 -2.67 -2.22
N GLU A 10 -3.90 -1.61 -1.44
CA GLU A 10 -4.67 -0.45 -1.85
C GLU A 10 -3.89 0.84 -1.62
N GLU A 11 -3.64 1.58 -2.69
CA GLU A 11 -2.89 2.83 -2.61
C GLU A 11 -3.81 3.94 -2.11
N LYS A 12 -3.52 4.46 -0.93
CA LYS A 12 -4.33 5.49 -0.31
C LYS A 12 -3.46 6.63 0.21
N VAL A 13 -3.99 7.85 0.21
CA VAL A 13 -3.30 8.95 0.84
C VAL A 13 -3.93 9.25 2.18
N ASP A 14 -3.13 9.23 3.24
CA ASP A 14 -3.64 9.49 4.58
C ASP A 14 -3.36 10.92 5.00
N ASN A 15 -2.16 11.16 5.53
CA ASN A 15 -1.79 12.46 6.04
C ASN A 15 -1.40 13.42 4.92
N LEU A 16 -2.39 13.81 4.12
CA LEU A 16 -2.27 14.90 3.14
C LEU A 16 -0.96 14.88 2.36
N GLY A 17 -0.68 13.77 1.70
CA GLY A 17 0.48 13.72 0.82
C GLY A 17 1.21 12.39 0.87
N ARG A 18 1.16 11.71 2.00
CA ARG A 18 1.88 10.45 2.14
C ARG A 18 1.02 9.32 1.62
N THR A 19 1.39 8.80 0.46
CA THR A 19 0.70 7.68 -0.13
C THR A 19 1.10 6.39 0.57
N TYR A 20 0.16 5.79 1.26
CA TYR A 20 0.40 4.54 1.94
C TYR A 20 -0.38 3.43 1.28
N TYR A 21 0.11 2.22 1.43
CA TYR A 21 -0.43 1.09 0.74
C TYR A 21 -1.06 0.16 1.75
N VAL A 22 -2.38 0.20 1.81
CA VAL A 22 -3.12 -0.52 2.81
C VAL A 22 -3.49 -1.91 2.33
N ASN A 23 -2.83 -2.90 2.90
CA ASN A 23 -3.13 -4.28 2.59
C ASN A 23 -4.52 -4.64 3.11
N HIS A 24 -5.27 -5.40 2.35
CA HIS A 24 -6.64 -5.74 2.72
C HIS A 24 -6.71 -7.14 3.34
N ASN A 25 -5.59 -7.84 3.32
CA ASN A 25 -5.53 -9.20 3.85
C ASN A 25 -5.02 -9.18 5.29
N ASN A 26 -3.96 -8.45 5.53
CA ASN A 26 -3.36 -8.34 6.85
C ASN A 26 -3.49 -6.91 7.39
N ARG A 27 -3.95 -6.01 6.52
CA ARG A 27 -4.05 -4.59 6.83
C ARG A 27 -2.78 -4.01 7.42
N SER A 28 -1.66 -4.32 6.79
CA SER A 28 -0.41 -3.66 7.10
C SER A 28 -0.38 -2.28 6.42
N THR A 29 -0.37 -1.23 7.21
CA THR A 29 -0.53 0.12 6.68
C THR A 29 0.81 0.84 6.59
N GLN A 30 1.53 0.55 5.52
CA GLN A 30 2.88 1.09 5.31
C GLN A 30 2.86 2.19 4.24
N TRP A 31 3.77 3.16 4.36
CA TRP A 31 3.89 4.20 3.35
C TRP A 31 4.96 3.84 2.32
N HIS A 32 5.57 2.67 2.47
CA HIS A 32 6.66 2.28 1.57
C HIS A 32 6.28 1.06 0.76
N ARG A 33 5.69 1.33 -0.41
CA ARG A 33 5.20 0.30 -1.35
C ARG A 33 6.05 -0.97 -1.35
N PRO A 34 5.41 -2.14 -1.21
CA PRO A 34 6.08 -3.43 -1.22
C PRO A 34 6.78 -3.71 -2.55
N SER A 35 7.75 -4.62 -2.51
CA SER A 35 8.54 -4.95 -3.70
C SER A 35 7.71 -5.75 -4.71
N LEU A 36 7.26 -5.07 -5.75
CA LEU A 36 6.55 -5.72 -6.84
C LEU A 36 7.02 -5.16 -8.17
N GLY A 1 4.85 5.32 -12.35
CA GLY A 1 3.77 4.95 -11.41
C GLY A 1 4.27 4.06 -10.30
N SER A 2 3.37 3.32 -9.68
CA SER A 2 3.73 2.39 -8.63
C SER A 2 3.84 0.97 -9.19
N PRO A 3 4.91 0.24 -8.80
CA PRO A 3 5.09 -1.16 -9.21
C PRO A 3 3.90 -2.03 -8.84
N PRO A 4 3.74 -3.18 -9.52
CA PRO A 4 2.62 -4.11 -9.30
C PRO A 4 2.39 -4.40 -7.82
N LEU A 5 1.15 -4.24 -7.40
CA LEU A 5 0.77 -4.46 -6.01
C LEU A 5 0.15 -5.84 -5.84
N PRO A 6 0.54 -6.56 -4.77
CA PRO A 6 -0.03 -7.88 -4.47
C PRO A 6 -1.53 -7.79 -4.18
N PRO A 7 -2.28 -8.86 -4.48
CA PRO A 7 -3.75 -8.88 -4.33
C PRO A 7 -4.19 -8.56 -2.90
N GLY A 8 -4.73 -7.38 -2.71
CA GLY A 8 -5.20 -6.97 -1.41
C GLY A 8 -4.64 -5.62 -1.01
N TRP A 9 -3.55 -5.23 -1.66
CA TRP A 9 -2.92 -3.95 -1.38
C TRP A 9 -3.59 -2.85 -2.19
N GLU A 10 -3.88 -1.74 -1.53
CA GLU A 10 -4.54 -0.61 -2.17
C GLU A 10 -3.72 0.68 -1.97
N GLU A 11 -3.61 1.48 -3.02
CA GLU A 11 -2.90 2.75 -2.94
C GLU A 11 -3.78 3.81 -2.30
N LYS A 12 -3.37 4.29 -1.14
CA LYS A 12 -4.16 5.26 -0.39
C LYS A 12 -3.30 6.45 0.04
N VAL A 13 -3.94 7.53 0.40
CA VAL A 13 -3.24 8.68 0.96
C VAL A 13 -3.79 8.98 2.36
N ASP A 14 -2.89 9.24 3.29
CA ASP A 14 -3.26 9.48 4.68
C ASP A 14 -3.77 10.91 4.89
N ASN A 15 -3.99 11.28 6.14
CA ASN A 15 -4.48 12.60 6.49
C ASN A 15 -3.50 13.70 6.08
N LEU A 16 -2.21 13.38 6.12
CA LEU A 16 -1.16 14.32 5.73
C LEU A 16 -1.06 14.41 4.20
N GLY A 17 -0.93 13.25 3.56
CA GLY A 17 -0.80 13.24 2.10
C GLY A 17 0.28 12.28 1.64
N ARG A 18 0.60 11.29 2.46
CA ARG A 18 1.59 10.29 2.10
C ARG A 18 0.91 9.12 1.42
N THR A 19 1.21 8.91 0.15
CA THR A 19 0.64 7.82 -0.60
C THR A 19 1.18 6.49 -0.11
N TYR A 20 0.42 5.84 0.76
CA TYR A 20 0.84 4.58 1.33
C TYR A 20 0.09 3.43 0.69
N TYR A 21 0.50 2.22 1.03
CA TYR A 21 -0.10 1.04 0.48
C TYR A 21 -0.79 0.27 1.58
N VAL A 22 -2.11 0.31 1.56
CA VAL A 22 -2.91 -0.30 2.60
C VAL A 22 -3.29 -1.72 2.21
N ASN A 23 -2.68 -2.67 2.89
CA ASN A 23 -3.06 -4.06 2.72
C ASN A 23 -4.46 -4.27 3.27
N HIS A 24 -5.33 -4.89 2.50
CA HIS A 24 -6.68 -5.16 2.96
C HIS A 24 -6.76 -6.55 3.57
N ASN A 25 -5.68 -7.30 3.43
CA ASN A 25 -5.59 -8.64 4.00
C ASN A 25 -5.30 -8.55 5.50
N ASN A 26 -4.04 -8.32 5.84
CA ASN A 26 -3.64 -8.20 7.25
C ASN A 26 -3.57 -6.73 7.66
N ARG A 27 -4.07 -5.86 6.78
CA ARG A 27 -4.13 -4.42 7.00
C ARG A 27 -2.78 -3.82 7.39
N SER A 28 -1.71 -4.32 6.79
CA SER A 28 -0.41 -3.70 6.89
C SER A 28 -0.42 -2.33 6.18
N THR A 29 -0.49 -1.27 6.96
CA THR A 29 -0.64 0.08 6.43
C THR A 29 0.69 0.83 6.39
N GLN A 30 1.58 0.40 5.52
CA GLN A 30 2.90 1.02 5.42
C GLN A 30 3.01 1.87 4.16
N TRP A 31 3.80 2.94 4.22
CA TRP A 31 3.98 3.82 3.07
C TRP A 31 5.27 3.47 2.34
N HIS A 32 6.15 2.71 2.97
CA HIS A 32 7.47 2.42 2.40
C HIS A 32 7.42 1.36 1.30
N ARG A 33 6.19 0.99 0.91
CA ARG A 33 5.95 0.02 -0.17
C ARG A 33 6.26 -1.40 0.29
N PRO A 34 5.36 -2.35 0.00
CA PRO A 34 5.55 -3.76 0.32
C PRO A 34 6.51 -4.44 -0.65
N SER A 35 7.75 -3.96 -0.67
CA SER A 35 8.79 -4.54 -1.51
C SER A 35 9.38 -5.80 -0.87
N LEU A 36 8.51 -6.61 -0.28
CA LEU A 36 8.92 -7.83 0.39
C LEU A 36 8.15 -9.00 -0.18
N GLY A 1 -5.58 -2.91 -7.22
CA GLY A 1 -4.19 -2.45 -7.05
C GLY A 1 -3.39 -2.58 -8.32
N SER A 2 -2.11 -2.26 -8.25
CA SER A 2 -1.23 -2.35 -9.40
C SER A 2 -0.77 -3.79 -9.61
N PRO A 3 -0.41 -4.16 -10.85
CA PRO A 3 0.13 -5.50 -11.16
C PRO A 3 1.29 -5.95 -10.24
N PRO A 4 2.30 -5.09 -9.97
CA PRO A 4 3.41 -5.46 -9.06
C PRO A 4 3.00 -5.45 -7.58
N LEU A 5 1.75 -5.10 -7.33
CA LEU A 5 1.22 -5.08 -5.97
C LEU A 5 0.57 -6.41 -5.65
N PRO A 6 0.90 -7.01 -4.50
CA PRO A 6 0.32 -8.29 -4.08
C PRO A 6 -1.18 -8.18 -3.84
N PRO A 7 -1.92 -9.29 -4.03
CA PRO A 7 -3.38 -9.32 -3.89
C PRO A 7 -3.82 -8.86 -2.50
N GLY A 8 -4.51 -7.73 -2.46
CA GLY A 8 -4.99 -7.18 -1.21
C GLY A 8 -4.51 -5.76 -1.00
N TRP A 9 -3.41 -5.41 -1.65
CA TRP A 9 -2.80 -4.10 -1.44
C TRP A 9 -3.44 -3.04 -2.32
N GLU A 10 -3.81 -1.92 -1.71
CA GLU A 10 -4.40 -0.80 -2.43
C GLU A 10 -3.67 0.50 -2.09
N GLU A 11 -3.72 1.47 -2.99
CA GLU A 11 -3.07 2.77 -2.77
C GLU A 11 -3.98 3.69 -1.97
N LYS A 12 -3.51 4.16 -0.82
CA LYS A 12 -4.30 5.04 0.03
C LYS A 12 -3.47 6.23 0.51
N VAL A 13 -4.10 7.39 0.63
CA VAL A 13 -3.45 8.53 1.27
C VAL A 13 -3.95 8.67 2.70
N ASP A 14 -3.02 8.80 3.64
CA ASP A 14 -3.35 8.86 5.07
C ASP A 14 -4.26 10.05 5.39
N ASN A 15 -3.72 11.25 5.27
CA ASN A 15 -4.49 12.45 5.56
C ASN A 15 -4.41 13.43 4.39
N LEU A 16 -3.19 13.76 3.96
CA LEU A 16 -2.99 14.64 2.82
C LEU A 16 -1.54 14.68 2.39
N GLY A 17 -1.07 13.59 1.80
CA GLY A 17 0.25 13.58 1.22
C GLY A 17 0.98 12.26 1.36
N ARG A 18 0.74 11.54 2.45
CA ARG A 18 1.39 10.25 2.64
C ARG A 18 0.64 9.17 1.88
N THR A 19 1.08 8.94 0.65
CA THR A 19 0.51 7.90 -0.18
C THR A 19 1.12 6.55 0.18
N TYR A 20 0.40 5.79 0.97
CA TYR A 20 0.87 4.49 1.40
C TYR A 20 0.09 3.39 0.73
N TYR A 21 0.42 2.16 1.07
CA TYR A 21 -0.24 1.02 0.49
C TYR A 21 -0.89 0.21 1.61
N VAL A 22 -2.19 0.02 1.48
CA VAL A 22 -2.96 -0.62 2.52
C VAL A 22 -3.32 -2.04 2.13
N ASN A 23 -2.81 -3.00 2.88
CA ASN A 23 -3.20 -4.38 2.70
C ASN A 23 -4.62 -4.57 3.20
N HIS A 24 -5.53 -4.95 2.32
CA HIS A 24 -6.94 -5.11 2.70
C HIS A 24 -7.13 -6.39 3.51
N ASN A 25 -6.17 -7.27 3.45
CA ASN A 25 -6.25 -8.55 4.12
C ASN A 25 -5.47 -8.57 5.44
N ASN A 26 -4.27 -8.01 5.44
CA ASN A 26 -3.42 -8.04 6.64
C ASN A 26 -3.23 -6.65 7.22
N ARG A 27 -3.85 -5.66 6.57
CA ARG A 27 -3.78 -4.24 6.95
C ARG A 27 -2.40 -3.80 7.44
N SER A 28 -1.38 -4.08 6.66
CA SER A 28 -0.05 -3.55 6.90
C SER A 28 0.06 -2.17 6.25
N THR A 29 -0.50 -1.17 6.91
CA THR A 29 -0.60 0.18 6.36
C THR A 29 0.73 0.92 6.40
N GLN A 30 1.66 0.52 5.55
CA GLN A 30 2.98 1.13 5.49
C GLN A 30 3.12 2.06 4.29
N TRP A 31 3.85 3.17 4.45
CA TRP A 31 4.00 4.14 3.37
C TRP A 31 5.32 3.94 2.63
N HIS A 32 5.97 2.80 2.83
CA HIS A 32 7.22 2.52 2.12
C HIS A 32 6.99 1.47 1.04
N ARG A 33 5.71 1.25 0.71
CA ARG A 33 5.32 0.21 -0.24
C ARG A 33 5.61 -1.18 0.33
N PRO A 34 4.77 -2.18 0.04
CA PRO A 34 4.95 -3.54 0.56
C PRO A 34 6.14 -4.28 -0.03
N SER A 35 7.33 -3.75 0.20
CA SER A 35 8.57 -4.44 -0.12
C SER A 35 9.00 -5.26 1.09
N LEU A 36 10.29 -5.30 1.36
CA LEU A 36 10.77 -5.96 2.56
C LEU A 36 11.02 -4.93 3.66
N GLY A 1 -2.55 2.12 -8.32
CA GLY A 1 -1.60 1.14 -8.89
C GLY A 1 -1.85 -0.26 -8.38
N SER A 2 -2.95 -0.86 -8.80
CA SER A 2 -3.31 -2.20 -8.37
C SER A 2 -2.40 -3.28 -8.99
N PRO A 3 -2.15 -3.26 -10.33
CA PRO A 3 -1.29 -4.25 -10.99
C PRO A 3 0.08 -4.48 -10.32
N PRO A 4 0.87 -3.42 -10.02
CA PRO A 4 2.20 -3.60 -9.40
C PRO A 4 2.12 -3.92 -7.90
N LEU A 5 0.92 -3.99 -7.37
CA LEU A 5 0.72 -4.26 -5.96
C LEU A 5 0.23 -5.70 -5.77
N PRO A 6 0.68 -6.37 -4.70
CA PRO A 6 0.24 -7.73 -4.39
C PRO A 6 -1.24 -7.77 -3.99
N PRO A 7 -1.88 -8.96 -4.08
CA PRO A 7 -3.30 -9.12 -3.76
C PRO A 7 -3.67 -8.60 -2.38
N GLY A 8 -4.70 -7.75 -2.33
CA GLY A 8 -5.13 -7.18 -1.07
C GLY A 8 -4.63 -5.77 -0.87
N TRP A 9 -3.51 -5.45 -1.49
CA TRP A 9 -2.90 -4.14 -1.30
C TRP A 9 -3.64 -3.06 -2.08
N GLU A 10 -4.01 -1.98 -1.40
CA GLU A 10 -4.66 -0.85 -2.03
C GLU A 10 -3.86 0.41 -1.78
N GLU A 11 -3.60 1.17 -2.83
CA GLU A 11 -2.84 2.41 -2.70
C GLU A 11 -3.77 3.55 -2.27
N LYS A 12 -3.42 4.19 -1.16
CA LYS A 12 -4.22 5.26 -0.60
C LYS A 12 -3.32 6.42 -0.20
N VAL A 13 -3.88 7.45 0.42
CA VAL A 13 -3.08 8.54 0.94
C VAL A 13 -3.53 8.90 2.35
N ASP A 14 -2.56 9.10 3.24
CA ASP A 14 -2.86 9.47 4.61
C ASP A 14 -2.66 10.95 4.82
N ASN A 15 -3.64 11.60 5.43
CA ASN A 15 -3.59 13.05 5.70
C ASN A 15 -3.41 13.84 4.41
N LEU A 16 -3.85 13.25 3.30
CA LEU A 16 -3.77 13.88 1.97
C LEU A 16 -2.32 14.19 1.59
N GLY A 17 -1.38 13.47 2.19
CA GLY A 17 0.01 13.73 1.94
C GLY A 17 0.83 12.46 1.79
N ARG A 18 0.70 11.55 2.75
CA ARG A 18 1.53 10.35 2.75
C ARG A 18 0.83 9.23 2.00
N THR A 19 1.10 9.16 0.70
CA THR A 19 0.56 8.12 -0.15
C THR A 19 1.13 6.76 0.23
N TYR A 20 0.32 5.95 0.87
CA TYR A 20 0.75 4.64 1.32
C TYR A 20 -0.02 3.55 0.61
N TYR A 21 0.29 2.32 0.97
CA TYR A 21 -0.40 1.17 0.44
C TYR A 21 -0.92 0.36 1.60
N VAL A 22 -2.21 0.10 1.58
CA VAL A 22 -2.85 -0.60 2.67
C VAL A 22 -3.27 -2.00 2.25
N ASN A 23 -2.71 -2.98 2.91
CA ASN A 23 -3.11 -4.36 2.69
C ASN A 23 -4.54 -4.53 3.22
N HIS A 24 -5.42 -5.14 2.46
CA HIS A 24 -6.79 -5.33 2.89
C HIS A 24 -6.93 -6.63 3.68
N ASN A 25 -6.04 -7.56 3.39
CA ASN A 25 -6.08 -8.87 4.01
C ASN A 25 -5.30 -8.89 5.32
N ASN A 26 -4.24 -8.10 5.38
CA ASN A 26 -3.42 -8.03 6.60
C ASN A 26 -3.52 -6.65 7.24
N ARG A 27 -3.95 -5.67 6.46
CA ARG A 27 -4.09 -4.27 6.89
C ARG A 27 -2.79 -3.69 7.43
N SER A 28 -1.68 -4.07 6.82
CA SER A 28 -0.41 -3.43 7.06
C SER A 28 -0.38 -2.09 6.33
N THR A 29 -0.31 -1.01 7.09
CA THR A 29 -0.40 0.33 6.52
C THR A 29 0.99 0.95 6.38
N GLN A 30 1.75 0.49 5.41
CA GLN A 30 3.10 1.01 5.20
C GLN A 30 3.14 1.92 3.98
N TRP A 31 3.89 3.01 4.11
CA TRP A 31 4.01 3.97 3.03
C TRP A 31 5.30 3.73 2.26
N HIS A 32 5.98 2.63 2.56
CA HIS A 32 7.29 2.37 1.94
C HIS A 32 7.20 1.31 0.86
N ARG A 33 5.97 0.93 0.51
CA ARG A 33 5.69 -0.05 -0.53
C ARG A 33 6.20 -1.45 -0.15
N PRO A 34 5.30 -2.44 -0.21
CA PRO A 34 5.66 -3.83 0.04
C PRO A 34 6.63 -4.35 -1.02
N SER A 35 7.84 -4.69 -0.59
CA SER A 35 8.86 -5.20 -1.49
C SER A 35 8.60 -6.66 -1.84
N LEU A 36 8.95 -7.04 -3.06
CA LEU A 36 8.73 -8.40 -3.52
C LEU A 36 10.02 -8.98 -4.10
N GLY A 1 4.21 4.12 -13.74
CA GLY A 1 2.86 4.42 -13.21
C GLY A 1 2.17 3.18 -12.69
N SER A 2 1.29 3.36 -11.70
CA SER A 2 0.57 2.26 -11.07
C SER A 2 1.53 1.28 -10.40
N PRO A 3 1.85 1.52 -9.12
CA PRO A 3 2.78 0.70 -8.35
C PRO A 3 2.35 -0.76 -8.32
N PRO A 4 3.25 -1.68 -8.73
CA PRO A 4 3.01 -3.12 -8.65
C PRO A 4 2.72 -3.55 -7.23
N LEU A 5 1.46 -3.83 -6.95
CA LEU A 5 1.02 -4.10 -5.61
C LEU A 5 0.35 -5.46 -5.54
N PRO A 6 0.78 -6.30 -4.58
CA PRO A 6 0.18 -7.63 -4.36
C PRO A 6 -1.31 -7.54 -3.99
N PRO A 7 -2.03 -8.66 -4.13
CA PRO A 7 -3.49 -8.70 -3.90
C PRO A 7 -3.87 -8.37 -2.47
N GLY A 8 -4.73 -7.37 -2.32
CA GLY A 8 -5.15 -6.94 -1.00
C GLY A 8 -4.57 -5.60 -0.65
N TRP A 9 -3.56 -5.18 -1.39
CA TRP A 9 -2.92 -3.90 -1.17
C TRP A 9 -3.66 -2.79 -1.90
N GLU A 10 -3.95 -1.70 -1.19
CA GLU A 10 -4.65 -0.58 -1.79
C GLU A 10 -3.80 0.69 -1.70
N GLU A 11 -3.75 1.44 -2.79
CA GLU A 11 -3.02 2.69 -2.83
C GLU A 11 -3.88 3.83 -2.27
N LYS A 12 -3.45 4.40 -1.16
CA LYS A 12 -4.21 5.46 -0.52
C LYS A 12 -3.30 6.63 -0.16
N VAL A 13 -3.79 7.85 -0.29
CA VAL A 13 -3.05 8.99 0.20
C VAL A 13 -3.60 9.39 1.57
N ASP A 14 -2.70 9.51 2.54
CA ASP A 14 -3.08 9.95 3.87
C ASP A 14 -3.25 11.47 3.89
N ASN A 15 -3.98 11.97 4.88
CA ASN A 15 -4.27 13.39 5.03
C ASN A 15 -3.01 14.25 5.03
N LEU A 16 -1.88 13.65 5.39
CA LEU A 16 -0.61 14.36 5.43
C LEU A 16 0.06 14.40 4.06
N GLY A 17 -0.59 13.80 3.06
CA GLY A 17 -0.03 13.78 1.73
C GLY A 17 0.94 12.64 1.54
N ARG A 18 0.74 11.57 2.30
CA ARG A 18 1.61 10.40 2.22
C ARG A 18 0.89 9.28 1.49
N THR A 19 1.32 9.01 0.27
CA THR A 19 0.75 7.95 -0.53
C THR A 19 1.23 6.60 -0.01
N TYR A 20 0.40 5.94 0.76
CA TYR A 20 0.76 4.67 1.37
C TYR A 20 -0.04 3.54 0.78
N TYR A 21 0.32 2.33 1.17
CA TYR A 21 -0.32 1.14 0.66
C TYR A 21 -0.89 0.35 1.81
N VAL A 22 -2.21 0.20 1.79
CA VAL A 22 -2.92 -0.44 2.88
C VAL A 22 -3.40 -1.82 2.45
N ASN A 23 -2.81 -2.85 3.04
CA ASN A 23 -3.26 -4.21 2.80
C ASN A 23 -4.61 -4.41 3.46
N HIS A 24 -5.48 -5.20 2.86
CA HIS A 24 -6.77 -5.48 3.47
C HIS A 24 -6.82 -6.90 4.04
N ASN A 25 -5.97 -7.77 3.51
CA ASN A 25 -5.90 -9.15 3.97
C ASN A 25 -4.98 -9.26 5.18
N ASN A 26 -3.86 -8.54 5.13
CA ASN A 26 -2.94 -8.47 6.27
C ASN A 26 -3.16 -7.17 7.03
N ARG A 27 -3.84 -6.24 6.37
CA ARG A 27 -4.16 -4.92 6.92
C ARG A 27 -2.91 -4.13 7.31
N SER A 28 -1.79 -4.46 6.69
CA SER A 28 -0.56 -3.70 6.85
C SER A 28 -0.72 -2.30 6.25
N THR A 29 -0.49 -1.28 7.07
CA THR A 29 -0.68 0.10 6.64
C THR A 29 0.66 0.84 6.58
N GLN A 30 1.46 0.50 5.58
CA GLN A 30 2.79 1.09 5.43
C GLN A 30 2.82 2.09 4.27
N TRP A 31 3.74 3.05 4.32
CA TRP A 31 3.90 4.02 3.25
C TRP A 31 5.27 3.85 2.56
N HIS A 32 5.90 2.70 2.75
CA HIS A 32 7.25 2.51 2.20
C HIS A 32 7.26 1.50 1.04
N ARG A 33 6.08 0.97 0.70
CA ARG A 33 5.93 0.04 -0.42
C ARG A 33 6.53 -1.34 -0.11
N PRO A 34 5.73 -2.40 -0.29
CA PRO A 34 6.19 -3.78 -0.09
C PRO A 34 7.31 -4.15 -1.05
N SER A 35 8.38 -4.72 -0.52
CA SER A 35 9.53 -5.12 -1.32
C SER A 35 9.21 -6.38 -2.13
N LEU A 36 8.57 -6.19 -3.26
CA LEU A 36 8.22 -7.29 -4.16
C LEU A 36 8.40 -6.83 -5.60
N GLY A 1 1.36 -4.45 -17.94
CA GLY A 1 2.46 -5.19 -17.27
C GLY A 1 1.97 -5.97 -16.06
N SER A 2 2.80 -6.85 -15.55
CA SER A 2 2.46 -7.62 -14.37
C SER A 2 2.45 -6.74 -13.13
N PRO A 3 1.32 -6.72 -12.40
CA PRO A 3 1.14 -5.87 -11.21
C PRO A 3 2.22 -6.09 -10.16
N PRO A 4 3.00 -5.05 -9.86
CA PRO A 4 4.04 -5.08 -8.83
C PRO A 4 3.43 -5.09 -7.43
N LEU A 5 2.17 -4.67 -7.35
CA LEU A 5 1.45 -4.63 -6.10
C LEU A 5 0.56 -5.86 -5.98
N PRO A 6 0.80 -6.69 -4.97
CA PRO A 6 0.02 -7.91 -4.73
C PRO A 6 -1.44 -7.62 -4.42
N PRO A 7 -2.35 -8.54 -4.81
CA PRO A 7 -3.79 -8.41 -4.59
C PRO A 7 -4.14 -8.33 -3.10
N GLY A 8 -4.63 -7.18 -2.69
CA GLY A 8 -4.92 -6.96 -1.29
C GLY A 8 -4.41 -5.61 -0.84
N TRP A 9 -3.42 -5.08 -1.57
CA TRP A 9 -2.84 -3.79 -1.26
C TRP A 9 -3.61 -2.67 -1.94
N GLU A 10 -3.77 -1.55 -1.24
CA GLU A 10 -4.47 -0.39 -1.79
C GLU A 10 -3.64 0.87 -1.61
N GLU A 11 -3.40 1.58 -2.71
CA GLU A 11 -2.66 2.84 -2.67
C GLU A 11 -3.60 3.97 -2.27
N LYS A 12 -3.38 4.52 -1.08
CA LYS A 12 -4.22 5.60 -0.57
C LYS A 12 -3.35 6.71 -0.01
N VAL A 13 -3.81 7.94 -0.10
CA VAL A 13 -3.09 9.05 0.49
C VAL A 13 -3.70 9.35 1.87
N ASP A 14 -2.83 9.61 2.85
CA ASP A 14 -3.27 9.84 4.23
C ASP A 14 -3.76 11.28 4.42
N ASN A 15 -3.95 11.66 5.68
CA ASN A 15 -4.40 13.00 6.03
C ASN A 15 -3.37 14.06 5.61
N LEU A 16 -2.10 13.71 5.66
CA LEU A 16 -1.04 14.65 5.27
C LEU A 16 -0.90 14.72 3.75
N GLY A 17 -0.79 13.57 3.12
CA GLY A 17 -0.57 13.53 1.69
C GLY A 17 0.49 12.53 1.31
N ARG A 18 0.71 11.54 2.16
CA ARG A 18 1.64 10.47 1.87
C ARG A 18 0.88 9.27 1.33
N THR A 19 1.31 8.75 0.20
CA THR A 19 0.66 7.62 -0.42
C THR A 19 1.11 6.33 0.24
N TYR A 20 0.27 5.79 1.11
CA TYR A 20 0.58 4.54 1.77
C TYR A 20 -0.16 3.39 1.09
N TYR A 21 0.30 2.18 1.37
CA TYR A 21 -0.25 1.00 0.76
C TYR A 21 -0.86 0.15 1.86
N VAL A 22 -2.17 0.09 1.88
CA VAL A 22 -2.86 -0.65 2.93
C VAL A 22 -3.36 -1.98 2.42
N ASN A 23 -2.83 -3.04 2.98
CA ASN A 23 -3.32 -4.37 2.69
C ASN A 23 -4.69 -4.56 3.35
N HIS A 24 -5.59 -5.29 2.73
CA HIS A 24 -6.90 -5.52 3.33
C HIS A 24 -7.05 -6.94 3.84
N ASN A 25 -6.07 -7.78 3.53
CA ASN A 25 -6.10 -9.17 3.96
C ASN A 25 -5.26 -9.36 5.23
N ASN A 26 -4.13 -8.66 5.30
CA ASN A 26 -3.31 -8.65 6.51
C ASN A 26 -3.30 -7.26 7.13
N ARG A 27 -3.93 -6.33 6.41
CA ARG A 27 -4.07 -4.93 6.84
C ARG A 27 -2.80 -4.33 7.42
N SER A 28 -1.88 -3.99 6.53
CA SER A 28 -0.67 -3.28 6.90
C SER A 28 -0.70 -1.90 6.26
N THR A 29 -0.41 -0.86 7.04
CA THR A 29 -0.48 0.52 6.56
C THR A 29 0.91 1.14 6.42
N GLN A 30 1.66 0.69 5.43
CA GLN A 30 3.03 1.17 5.23
C GLN A 30 3.11 2.08 4.01
N TRP A 31 3.96 3.10 4.08
CA TRP A 31 4.17 3.98 2.93
C TRP A 31 5.53 3.74 2.31
N HIS A 32 6.03 2.52 2.36
CA HIS A 32 7.32 2.23 1.74
C HIS A 32 7.19 1.13 0.70
N ARG A 33 5.98 0.60 0.54
CA ARG A 33 5.70 -0.49 -0.39
C ARG A 33 6.41 -1.78 0.04
N PRO A 34 5.77 -2.93 -0.14
CA PRO A 34 6.44 -4.22 0.05
C PRO A 34 7.59 -4.37 -0.94
N SER A 35 8.79 -4.05 -0.49
CA SER A 35 9.95 -4.06 -1.36
C SER A 35 11.04 -4.99 -0.82
N LEU A 36 11.08 -6.20 -1.36
CA LEU A 36 12.09 -7.17 -1.01
C LEU A 36 13.00 -7.40 -2.22
N GLY A 1 -0.28 0.69 -11.83
CA GLY A 1 0.24 -0.22 -12.89
C GLY A 1 1.75 -0.31 -12.88
N SER A 2 2.41 0.84 -12.98
CA SER A 2 3.87 0.91 -13.04
C SER A 2 4.54 0.34 -11.77
N PRO A 3 4.17 0.81 -10.56
CA PRO A 3 4.71 0.27 -9.32
C PRO A 3 4.19 -1.14 -9.03
N PRO A 4 5.08 -2.04 -8.60
CA PRO A 4 4.71 -3.43 -8.32
C PRO A 4 3.85 -3.53 -7.05
N LEU A 5 2.67 -4.11 -7.18
CA LEU A 5 1.77 -4.25 -6.06
C LEU A 5 1.18 -5.66 -6.00
N PRO A 6 1.46 -6.37 -4.90
CA PRO A 6 0.89 -7.69 -4.64
C PRO A 6 -0.61 -7.63 -4.38
N PRO A 7 -1.30 -8.78 -4.50
CA PRO A 7 -2.75 -8.85 -4.28
C PRO A 7 -3.14 -8.55 -2.83
N GLY A 8 -4.16 -7.72 -2.66
CA GLY A 8 -4.60 -7.37 -1.32
C GLY A 8 -4.13 -5.99 -0.93
N TRP A 9 -3.26 -5.40 -1.74
CA TRP A 9 -2.70 -4.09 -1.45
C TRP A 9 -3.46 -2.99 -2.19
N GLU A 10 -3.88 -1.97 -1.46
CA GLU A 10 -4.58 -0.85 -2.05
C GLU A 10 -3.76 0.43 -1.89
N GLU A 11 -3.85 1.33 -2.87
CA GLU A 11 -3.13 2.59 -2.83
C GLU A 11 -3.99 3.65 -2.14
N LYS A 12 -3.55 4.11 -0.99
CA LYS A 12 -4.30 5.09 -0.22
C LYS A 12 -3.39 6.22 0.24
N VAL A 13 -3.94 7.41 0.35
CA VAL A 13 -3.17 8.56 0.78
C VAL A 13 -3.67 9.04 2.14
N ASP A 14 -2.74 9.35 3.03
CA ASP A 14 -3.10 9.91 4.32
C ASP A 14 -3.46 11.39 4.15
N ASN A 15 -4.20 11.95 5.08
CA ASN A 15 -4.74 13.30 4.92
C ASN A 15 -3.68 14.38 5.01
N LEU A 16 -2.44 13.99 5.25
CA LEU A 16 -1.33 14.95 5.29
C LEU A 16 -0.56 14.93 3.99
N GLY A 17 -0.75 13.88 3.19
CA GLY A 17 -0.16 13.83 1.87
C GLY A 17 0.91 12.75 1.72
N ARG A 18 0.76 11.66 2.45
CA ARG A 18 1.69 10.55 2.32
C ARG A 18 0.99 9.34 1.70
N THR A 19 1.38 9.01 0.49
CA THR A 19 0.83 7.87 -0.24
C THR A 19 1.34 6.56 0.34
N TYR A 20 0.45 5.81 0.98
CA TYR A 20 0.81 4.53 1.53
C TYR A 20 0.05 3.41 0.84
N TYR A 21 0.35 2.19 1.22
CA TYR A 21 -0.33 1.05 0.66
C TYR A 21 -0.98 0.25 1.78
N VAL A 22 -2.28 0.07 1.67
CA VAL A 22 -3.06 -0.58 2.70
C VAL A 22 -3.46 -1.98 2.27
N ASN A 23 -2.99 -2.97 2.99
CA ASN A 23 -3.38 -4.35 2.72
C ASN A 23 -4.80 -4.58 3.22
N HIS A 24 -5.54 -5.43 2.55
CA HIS A 24 -6.91 -5.73 2.97
C HIS A 24 -6.95 -6.97 3.84
N ASN A 25 -6.07 -7.92 3.55
CA ASN A 25 -6.02 -9.18 4.25
C ASN A 25 -5.15 -9.10 5.50
N ASN A 26 -4.13 -8.27 5.46
CA ASN A 26 -3.25 -8.09 6.63
C ASN A 26 -3.40 -6.69 7.21
N ARG A 27 -4.04 -5.81 6.43
CA ARG A 27 -4.28 -4.42 6.81
C ARG A 27 -3.03 -3.69 7.25
N SER A 28 -1.90 -3.99 6.61
CA SER A 28 -0.68 -3.26 6.83
C SER A 28 -0.74 -1.94 6.07
N THR A 29 -0.37 -0.84 6.74
CA THR A 29 -0.47 0.49 6.16
C THR A 29 0.90 1.16 6.14
N GLN A 30 1.78 0.70 5.26
CA GLN A 30 3.14 1.23 5.19
C GLN A 30 3.35 2.12 3.97
N TRP A 31 4.02 3.25 4.16
CA TRP A 31 4.23 4.21 3.08
C TRP A 31 5.59 4.01 2.39
N HIS A 32 6.15 2.83 2.48
CA HIS A 32 7.40 2.55 1.77
C HIS A 32 7.19 1.51 0.69
N ARG A 33 5.91 1.15 0.47
CA ARG A 33 5.53 0.15 -0.53
C ARG A 33 6.03 -1.24 -0.14
N PRO A 34 5.15 -2.24 -0.18
CA PRO A 34 5.52 -3.64 0.09
C PRO A 34 6.53 -4.17 -0.92
N SER A 35 7.80 -3.94 -0.64
CA SER A 35 8.87 -4.36 -1.54
C SER A 35 9.91 -5.18 -0.80
N LEU A 36 9.59 -5.57 0.41
CA LEU A 36 10.49 -6.36 1.25
C LEU A 36 9.71 -7.14 2.28
N GLY A 1 1.40 -12.27 -12.89
CA GLY A 1 0.96 -11.00 -12.25
C GLY A 1 1.19 -9.81 -13.15
N SER A 2 0.11 -9.12 -13.47
CA SER A 2 0.20 -7.95 -14.33
C SER A 2 0.71 -6.72 -13.57
N PRO A 3 0.04 -6.27 -12.48
CA PRO A 3 0.46 -5.09 -11.74
C PRO A 3 1.63 -5.38 -10.80
N PRO A 4 2.63 -4.48 -10.75
CA PRO A 4 3.77 -4.61 -9.84
C PRO A 4 3.33 -4.55 -8.38
N LEU A 5 2.18 -3.92 -8.17
CA LEU A 5 1.55 -3.89 -6.86
C LEU A 5 0.61 -5.09 -6.72
N PRO A 6 0.89 -5.98 -5.77
CA PRO A 6 0.10 -7.21 -5.57
C PRO A 6 -1.37 -6.91 -5.23
N PRO A 7 -2.28 -7.80 -5.63
CA PRO A 7 -3.72 -7.65 -5.37
C PRO A 7 -4.03 -7.64 -3.89
N GLY A 8 -4.83 -6.67 -3.47
CA GLY A 8 -5.16 -6.53 -2.05
C GLY A 8 -4.52 -5.31 -1.47
N TRP A 9 -3.45 -4.85 -2.12
CA TRP A 9 -2.78 -3.63 -1.72
C TRP A 9 -3.51 -2.42 -2.28
N GLU A 10 -4.06 -1.61 -1.40
CA GLU A 10 -4.82 -0.45 -1.81
C GLU A 10 -3.99 0.83 -1.69
N GLU A 11 -4.12 1.70 -2.69
CA GLU A 11 -3.42 2.96 -2.70
C GLU A 11 -4.25 4.03 -2.02
N LYS A 12 -3.78 4.49 -0.87
CA LYS A 12 -4.50 5.51 -0.11
C LYS A 12 -3.54 6.62 0.29
N VAL A 13 -4.04 7.84 0.38
CA VAL A 13 -3.22 8.97 0.78
C VAL A 13 -3.60 9.45 2.16
N ASP A 14 -2.61 9.60 3.03
CA ASP A 14 -2.82 10.19 4.34
C ASP A 14 -2.58 11.70 4.26
N ASN A 15 -3.11 12.44 5.23
CA ASN A 15 -2.98 13.90 5.25
C ASN A 15 -1.53 14.32 5.05
N LEU A 16 -1.34 15.24 4.09
CA LEU A 16 -0.05 15.86 3.75
C LEU A 16 0.61 15.11 2.60
N GLY A 17 -0.13 14.16 2.04
CA GLY A 17 0.32 13.48 0.84
C GLY A 17 1.23 12.30 1.12
N ARG A 18 0.92 11.56 2.18
CA ARG A 18 1.64 10.31 2.43
C ARG A 18 0.92 9.16 1.75
N THR A 19 1.30 8.91 0.50
CA THR A 19 0.71 7.84 -0.27
C THR A 19 1.14 6.49 0.28
N TYR A 20 0.24 5.83 0.98
CA TYR A 20 0.56 4.57 1.59
C TYR A 20 -0.20 3.43 0.92
N TYR A 21 0.21 2.23 1.24
CA TYR A 21 -0.36 1.04 0.63
C TYR A 21 -0.83 0.10 1.73
N VAL A 22 -2.11 -0.16 1.74
CA VAL A 22 -2.70 -1.00 2.77
C VAL A 22 -3.07 -2.37 2.22
N ASN A 23 -2.37 -3.39 2.68
CA ASN A 23 -2.71 -4.76 2.34
C ASN A 23 -4.02 -5.13 3.00
N HIS A 24 -5.04 -5.40 2.21
CA HIS A 24 -6.38 -5.68 2.74
C HIS A 24 -6.43 -7.01 3.47
N ASN A 25 -5.36 -7.80 3.36
CA ASN A 25 -5.31 -9.10 4.00
C ASN A 25 -5.21 -8.94 5.52
N ASN A 26 -4.10 -8.39 5.98
CA ASN A 26 -3.86 -8.23 7.41
C ASN A 26 -3.88 -6.74 7.79
N ARG A 27 -4.32 -5.92 6.85
CA ARG A 27 -4.38 -4.47 7.01
C ARG A 27 -3.01 -3.87 7.35
N SER A 28 -2.02 -4.21 6.53
CA SER A 28 -0.69 -3.64 6.68
C SER A 28 -0.66 -2.24 6.09
N THR A 29 -0.54 -1.23 6.94
CA THR A 29 -0.59 0.15 6.49
C THR A 29 0.80 0.78 6.49
N GLN A 30 1.55 0.53 5.44
CA GLN A 30 2.88 1.10 5.29
C GLN A 30 2.87 2.19 4.23
N TRP A 31 3.75 3.16 4.36
CA TRP A 31 3.90 4.18 3.34
C TRP A 31 5.25 4.04 2.65
N HIS A 32 5.85 2.85 2.71
CA HIS A 32 7.16 2.64 2.11
C HIS A 32 7.06 1.77 0.87
N ARG A 33 5.82 1.45 0.50
CA ARG A 33 5.50 0.65 -0.69
C ARG A 33 5.98 -0.80 -0.53
N PRO A 34 5.09 -1.76 -0.85
CA PRO A 34 5.44 -3.17 -0.82
C PRO A 34 6.33 -3.56 -1.99
N SER A 35 7.45 -4.19 -1.67
CA SER A 35 8.36 -4.68 -2.69
C SER A 35 8.95 -6.02 -2.28
N LEU A 36 8.19 -6.73 -1.45
CA LEU A 36 8.62 -8.02 -0.94
C LEU A 36 7.58 -9.07 -1.29
N GLY A 1 9.55 -13.50 -11.36
CA GLY A 1 8.14 -13.38 -11.81
C GLY A 1 7.23 -12.93 -10.69
N SER A 2 7.54 -11.79 -10.09
CA SER A 2 6.77 -11.29 -8.97
C SER A 2 5.96 -10.06 -9.40
N PRO A 3 4.64 -10.08 -9.19
CA PRO A 3 3.78 -8.93 -9.45
C PRO A 3 4.16 -7.74 -8.57
N PRO A 4 4.28 -6.55 -9.18
CA PRO A 4 4.68 -5.32 -8.48
C PRO A 4 3.78 -5.01 -7.28
N LEU A 5 2.50 -5.35 -7.39
CA LEU A 5 1.57 -5.16 -6.29
C LEU A 5 0.61 -6.34 -6.20
N PRO A 6 0.70 -7.11 -5.11
CA PRO A 6 -0.18 -8.26 -4.88
C PRO A 6 -1.65 -7.85 -4.70
N PRO A 7 -2.58 -8.78 -4.95
CA PRO A 7 -4.02 -8.53 -4.83
C PRO A 7 -4.43 -8.23 -3.38
N GLY A 8 -5.00 -7.06 -3.16
CA GLY A 8 -5.38 -6.65 -1.83
C GLY A 8 -4.63 -5.42 -1.37
N TRP A 9 -3.58 -5.07 -2.09
CA TRP A 9 -2.80 -3.89 -1.75
C TRP A 9 -3.37 -2.64 -2.42
N GLU A 10 -3.84 -1.72 -1.59
CA GLU A 10 -4.52 -0.52 -2.07
C GLU A 10 -3.68 0.73 -1.85
N GLU A 11 -3.64 1.60 -2.85
CA GLU A 11 -2.92 2.87 -2.75
C GLU A 11 -3.80 3.92 -2.08
N LYS A 12 -3.45 4.27 -0.86
CA LYS A 12 -4.22 5.24 -0.09
C LYS A 12 -3.31 6.27 0.55
N VAL A 13 -3.61 7.55 0.36
CA VAL A 13 -2.88 8.59 1.08
C VAL A 13 -3.42 8.71 2.50
N ASP A 14 -2.54 8.98 3.43
CA ASP A 14 -2.96 9.38 4.76
C ASP A 14 -3.50 10.81 4.68
N ASN A 15 -4.15 11.25 5.74
CA ASN A 15 -4.76 12.58 5.77
C ASN A 15 -3.72 13.66 5.52
N LEU A 16 -2.45 13.33 5.75
CA LEU A 16 -1.36 14.28 5.58
C LEU A 16 -0.74 14.22 4.18
N GLY A 17 -1.32 13.41 3.29
CA GLY A 17 -0.79 13.31 1.95
C GLY A 17 0.40 12.38 1.86
N ARG A 18 0.27 11.20 2.44
CA ARG A 18 1.31 10.18 2.36
C ARG A 18 0.72 8.94 1.72
N THR A 19 0.96 8.78 0.43
CA THR A 19 0.45 7.65 -0.32
C THR A 19 1.07 6.36 0.19
N TYR A 20 0.32 5.64 1.02
CA TYR A 20 0.78 4.38 1.52
C TYR A 20 0.04 3.24 0.86
N TYR A 21 0.51 2.04 1.12
CA TYR A 21 -0.06 0.87 0.51
C TYR A 21 -0.67 -0.01 1.60
N VAL A 22 -1.99 -0.05 1.62
CA VAL A 22 -2.70 -0.78 2.64
C VAL A 22 -3.05 -2.17 2.15
N ASN A 23 -2.43 -3.17 2.77
CA ASN A 23 -2.77 -4.55 2.50
C ASN A 23 -4.15 -4.83 3.08
N HIS A 24 -5.12 -5.10 2.22
CA HIS A 24 -6.52 -5.24 2.67
C HIS A 24 -6.78 -6.55 3.40
N ASN A 25 -5.73 -7.31 3.67
CA ASN A 25 -5.90 -8.60 4.31
C ASN A 25 -5.52 -8.50 5.79
N ASN A 26 -4.26 -8.15 6.03
CA ASN A 26 -3.76 -7.95 7.39
C ASN A 26 -3.94 -6.50 7.81
N ARG A 27 -4.24 -5.67 6.82
CA ARG A 27 -4.44 -4.23 6.99
C ARG A 27 -3.15 -3.54 7.45
N SER A 28 -2.06 -3.87 6.78
CA SER A 28 -0.79 -3.19 6.99
C SER A 28 -0.72 -1.95 6.12
N THR A 29 -0.45 -0.80 6.73
CA THR A 29 -0.47 0.47 6.03
C THR A 29 0.93 1.10 5.96
N GLN A 30 1.77 0.55 5.09
CA GLN A 30 3.15 1.02 4.99
C GLN A 30 3.36 1.85 3.74
N TRP A 31 3.99 3.02 3.92
CA TRP A 31 4.18 3.98 2.82
C TRP A 31 5.48 3.71 2.07
N HIS A 32 5.97 2.48 2.12
CA HIS A 32 7.18 2.14 1.38
C HIS A 32 6.91 1.00 0.41
N ARG A 33 5.63 0.63 0.27
CA ARG A 33 5.22 -0.47 -0.62
C ARG A 33 5.74 -1.82 -0.10
N PRO A 34 5.06 -2.93 -0.44
CA PRO A 34 5.44 -4.27 0.04
C PRO A 34 6.64 -4.86 -0.71
N SER A 35 7.34 -4.04 -1.45
CA SER A 35 8.52 -4.45 -2.15
C SER A 35 9.70 -4.55 -1.18
N LEU A 36 10.04 -5.77 -0.80
CA LEU A 36 11.11 -6.01 0.16
C LEU A 36 11.93 -7.21 -0.28
N GLY A 1 -1.18 -0.89 -17.62
CA GLY A 1 -0.45 -2.12 -18.00
C GLY A 1 -0.20 -3.02 -16.82
N SER A 2 1.05 -3.39 -16.61
CA SER A 2 1.44 -4.28 -15.51
C SER A 2 1.02 -3.70 -14.16
N PRO A 3 0.39 -4.52 -13.30
CA PRO A 3 0.01 -4.13 -11.96
C PRO A 3 1.11 -4.41 -10.94
N PRO A 4 1.82 -3.35 -10.48
CA PRO A 4 2.95 -3.49 -9.56
C PRO A 4 2.51 -3.68 -8.11
N LEU A 5 1.21 -3.72 -7.89
CA LEU A 5 0.65 -3.91 -6.55
C LEU A 5 -0.14 -5.22 -6.50
N PRO A 6 0.15 -6.08 -5.50
CA PRO A 6 -0.53 -7.37 -5.34
C PRO A 6 -2.01 -7.20 -4.97
N PRO A 7 -2.82 -8.25 -5.17
CA PRO A 7 -4.25 -8.24 -4.86
C PRO A 7 -4.51 -8.08 -3.36
N GLY A 8 -5.30 -7.10 -3.01
CA GLY A 8 -5.58 -6.83 -1.62
C GLY A 8 -4.89 -5.57 -1.14
N TRP A 9 -3.91 -5.12 -1.90
CA TRP A 9 -3.18 -3.90 -1.56
C TRP A 9 -3.87 -2.68 -2.15
N GLU A 10 -4.18 -1.72 -1.28
CA GLU A 10 -4.86 -0.51 -1.72
C GLU A 10 -3.94 0.70 -1.59
N GLU A 11 -3.84 1.49 -2.64
CA GLU A 11 -3.05 2.70 -2.61
C GLU A 11 -3.87 3.85 -2.04
N LYS A 12 -3.47 4.34 -0.90
CA LYS A 12 -4.24 5.36 -0.20
C LYS A 12 -3.37 6.52 0.25
N VAL A 13 -3.86 7.72 0.04
CA VAL A 13 -3.23 8.90 0.62
C VAL A 13 -3.85 9.14 1.99
N ASP A 14 -3.01 9.35 3.00
CA ASP A 14 -3.50 9.47 4.37
C ASP A 14 -4.45 10.66 4.53
N ASN A 15 -3.92 11.87 4.41
CA ASN A 15 -4.70 13.08 4.62
C ASN A 15 -4.03 14.24 3.89
N LEU A 16 -2.72 14.37 4.10
CA LEU A 16 -1.96 15.48 3.54
C LEU A 16 -1.24 15.07 2.26
N GLY A 17 -0.85 13.81 2.16
CA GLY A 17 -0.20 13.35 0.95
C GLY A 17 0.91 12.36 1.19
N ARG A 18 0.79 11.55 2.24
CA ARG A 18 1.74 10.47 2.44
C ARG A 18 1.14 9.20 1.86
N THR A 19 1.32 9.03 0.56
CA THR A 19 0.77 7.91 -0.17
C THR A 19 1.31 6.59 0.35
N TYR A 20 0.44 5.84 1.01
CA TYR A 20 0.83 4.56 1.53
C TYR A 20 0.06 3.45 0.85
N TYR A 21 0.45 2.22 1.12
CA TYR A 21 -0.20 1.08 0.54
C TYR A 21 -0.73 0.20 1.66
N VAL A 22 -2.03 0.01 1.68
CA VAL A 22 -2.66 -0.75 2.74
C VAL A 22 -3.18 -2.08 2.24
N ASN A 23 -2.61 -3.15 2.77
CA ASN A 23 -3.12 -4.48 2.49
C ASN A 23 -4.48 -4.62 3.17
N HIS A 24 -5.43 -5.25 2.51
CA HIS A 24 -6.74 -5.47 3.10
C HIS A 24 -6.78 -6.83 3.77
N ASN A 25 -5.81 -7.67 3.41
CA ASN A 25 -5.72 -9.00 3.96
C ASN A 25 -5.12 -8.94 5.36
N ASN A 26 -3.89 -8.47 5.44
CA ASN A 26 -3.17 -8.33 6.72
C ASN A 26 -3.44 -6.97 7.34
N ARG A 27 -3.91 -6.05 6.50
CA ARG A 27 -4.12 -4.65 6.89
C ARG A 27 -2.82 -4.01 7.34
N SER A 28 -1.82 -4.08 6.47
CA SER A 28 -0.55 -3.43 6.70
C SER A 28 -0.55 -2.04 6.07
N THR A 29 -0.64 -1.02 6.92
CA THR A 29 -0.72 0.36 6.45
C THR A 29 0.65 1.03 6.43
N GLN A 30 1.52 0.57 5.55
CA GLN A 30 2.88 1.07 5.49
C GLN A 30 3.08 2.00 4.29
N TRP A 31 3.73 3.15 4.51
CA TRP A 31 3.98 4.10 3.44
C TRP A 31 5.33 3.86 2.78
N HIS A 32 6.04 2.82 3.20
CA HIS A 32 7.34 2.52 2.60
C HIS A 32 7.20 1.49 1.48
N ARG A 33 5.96 1.27 1.05
CA ARG A 33 5.63 0.33 -0.03
C ARG A 33 5.91 -1.11 0.40
N PRO A 34 5.01 -2.06 0.05
CA PRO A 34 5.23 -3.49 0.29
C PRO A 34 6.54 -3.98 -0.31
N SER A 35 7.57 -4.00 0.54
CA SER A 35 8.91 -4.36 0.12
C SER A 35 9.04 -5.87 -0.04
N LEU A 36 9.07 -6.31 -1.29
CA LEU A 36 9.20 -7.72 -1.60
C LEU A 36 10.16 -7.89 -2.76
N GLY A 1 13.71 -7.30 -8.46
CA GLY A 1 12.52 -8.15 -8.22
C GLY A 1 11.40 -7.37 -7.58
N SER A 2 10.80 -6.47 -8.34
CA SER A 2 9.76 -5.59 -7.83
C SER A 2 8.39 -5.97 -8.39
N PRO A 3 7.48 -6.44 -7.53
CA PRO A 3 6.11 -6.74 -7.93
C PRO A 3 5.29 -5.46 -8.09
N PRO A 4 4.31 -5.45 -9.00
CA PRO A 4 3.44 -4.29 -9.20
C PRO A 4 2.58 -4.03 -7.96
N LEU A 5 1.61 -4.89 -7.73
CA LEU A 5 0.76 -4.81 -6.57
C LEU A 5 -0.10 -6.06 -6.45
N PRO A 6 -0.01 -6.79 -5.32
CA PRO A 6 -0.92 -7.90 -5.03
C PRO A 6 -2.35 -7.38 -4.89
N PRO A 7 -3.36 -8.25 -5.07
CA PRO A 7 -4.75 -7.83 -5.21
C PRO A 7 -5.34 -7.27 -3.92
N GLY A 8 -4.73 -7.64 -2.80
CA GLY A 8 -5.21 -7.19 -1.52
C GLY A 8 -4.48 -5.95 -1.04
N TRP A 9 -4.12 -5.07 -1.96
CA TRP A 9 -3.46 -3.81 -1.60
C TRP A 9 -4.23 -2.63 -2.14
N GLU A 10 -4.11 -1.50 -1.45
CA GLU A 10 -4.76 -0.27 -1.88
C GLU A 10 -3.80 0.91 -1.76
N GLU A 11 -3.66 1.68 -2.83
CA GLU A 11 -2.82 2.85 -2.84
C GLU A 11 -3.63 4.08 -2.43
N LYS A 12 -3.35 4.58 -1.25
CA LYS A 12 -4.13 5.68 -0.69
C LYS A 12 -3.24 6.79 -0.16
N VAL A 13 -3.66 8.02 -0.38
CA VAL A 13 -2.97 9.15 0.22
C VAL A 13 -3.71 9.55 1.49
N ASP A 14 -3.00 9.53 2.61
CA ASP A 14 -3.58 9.94 3.88
C ASP A 14 -3.66 11.47 3.94
N ASN A 15 -4.24 11.99 5.02
CA ASN A 15 -4.58 13.41 5.15
C ASN A 15 -3.43 14.34 4.76
N LEU A 16 -2.20 13.94 5.08
CA LEU A 16 -1.05 14.82 4.86
C LEU A 16 -0.21 14.39 3.65
N GLY A 17 -0.85 13.77 2.66
CA GLY A 17 -0.20 13.50 1.40
C GLY A 17 0.81 12.37 1.46
N ARG A 18 0.71 11.51 2.47
CA ARG A 18 1.59 10.36 2.54
C ARG A 18 0.95 9.19 1.83
N THR A 19 1.47 8.88 0.66
CA THR A 19 0.95 7.80 -0.16
C THR A 19 1.28 6.45 0.48
N TYR A 20 0.30 5.86 1.15
CA TYR A 20 0.49 4.58 1.78
C TYR A 20 -0.21 3.50 1.00
N TYR A 21 0.17 2.27 1.28
CA TYR A 21 -0.36 1.13 0.59
C TYR A 21 -0.91 0.17 1.62
N VAL A 22 -2.23 0.11 1.70
CA VAL A 22 -2.89 -0.66 2.74
C VAL A 22 -3.25 -2.04 2.25
N ASN A 23 -2.67 -3.03 2.89
CA ASN A 23 -3.01 -4.41 2.63
C ASN A 23 -4.40 -4.70 3.20
N HIS A 24 -5.20 -5.48 2.50
CA HIS A 24 -6.58 -5.73 2.90
C HIS A 24 -6.71 -7.07 3.63
N ASN A 25 -5.61 -7.80 3.72
CA ASN A 25 -5.59 -9.10 4.35
C ASN A 25 -5.10 -9.00 5.79
N ASN A 26 -3.81 -8.72 5.94
CA ASN A 26 -3.20 -8.50 7.25
C ASN A 26 -3.43 -7.06 7.68
N ARG A 27 -3.77 -6.23 6.70
CA ARG A 27 -4.09 -4.82 6.90
C ARG A 27 -2.84 -4.02 7.26
N SER A 28 -1.71 -4.40 6.68
CA SER A 28 -0.49 -3.63 6.81
C SER A 28 -0.64 -2.29 6.10
N THR A 29 -0.57 -1.22 6.87
CA THR A 29 -0.73 0.13 6.33
C THR A 29 0.61 0.85 6.33
N GLN A 30 1.42 0.55 5.33
CA GLN A 30 2.76 1.08 5.26
C GLN A 30 2.86 2.16 4.18
N TRP A 31 3.82 3.05 4.31
CA TRP A 31 4.04 4.07 3.31
C TRP A 31 5.34 3.83 2.56
N HIS A 32 5.72 2.56 2.37
CA HIS A 32 6.94 2.25 1.62
C HIS A 32 6.66 1.35 0.42
N ARG A 33 5.38 1.03 0.21
CA ARG A 33 4.94 0.19 -0.91
C ARG A 33 5.42 -1.25 -0.73
N PRO A 34 4.54 -2.23 -0.98
CA PRO A 34 4.87 -3.65 -0.85
C PRO A 34 5.90 -4.14 -1.87
N SER A 35 7.15 -4.10 -1.48
CA SER A 35 8.22 -4.62 -2.31
C SER A 35 8.52 -6.06 -1.92
N LEU A 36 9.48 -6.67 -2.59
CA LEU A 36 9.92 -8.01 -2.24
C LEU A 36 10.88 -7.95 -1.06
N GLY A 1 9.72 -2.01 -16.41
CA GLY A 1 8.37 -1.80 -15.85
C GLY A 1 8.41 -1.62 -14.35
N SER A 2 7.49 -0.82 -13.83
CA SER A 2 7.37 -0.63 -12.39
C SER A 2 6.65 -1.80 -11.75
N PRO A 3 7.10 -2.25 -10.56
CA PRO A 3 6.49 -3.37 -9.84
C PRO A 3 5.04 -3.08 -9.44
N PRO A 4 4.08 -3.85 -9.99
CA PRO A 4 2.66 -3.65 -9.71
C PRO A 4 2.29 -4.05 -8.28
N LEU A 5 1.24 -3.45 -7.75
CA LEU A 5 0.78 -3.74 -6.41
C LEU A 5 0.14 -5.12 -6.33
N PRO A 6 0.51 -5.92 -5.33
CA PRO A 6 -0.07 -7.26 -5.13
C PRO A 6 -1.53 -7.19 -4.68
N PRO A 7 -2.30 -8.26 -4.94
CA PRO A 7 -3.72 -8.35 -4.55
C PRO A 7 -3.91 -8.30 -3.04
N GLY A 8 -4.75 -7.39 -2.59
CA GLY A 8 -4.93 -7.19 -1.16
C GLY A 8 -4.28 -5.91 -0.72
N TRP A 9 -3.64 -5.23 -1.65
CA TRP A 9 -3.01 -3.95 -1.37
C TRP A 9 -3.79 -2.81 -2.01
N GLU A 10 -3.80 -1.65 -1.36
CA GLU A 10 -4.54 -0.51 -1.88
C GLU A 10 -3.70 0.76 -1.81
N GLU A 11 -3.56 1.45 -2.94
CA GLU A 11 -2.86 2.72 -2.97
C GLU A 11 -3.76 3.82 -2.42
N LYS A 12 -3.37 4.37 -1.28
CA LYS A 12 -4.18 5.35 -0.60
C LYS A 12 -3.34 6.55 -0.15
N VAL A 13 -3.86 7.75 -0.35
CA VAL A 13 -3.27 8.91 0.29
C VAL A 13 -3.93 9.10 1.65
N ASP A 14 -3.13 9.07 2.69
CA ASP A 14 -3.64 9.22 4.05
C ASP A 14 -4.00 10.68 4.34
N ASN A 15 -3.26 11.30 5.25
CA ASN A 15 -3.55 12.68 5.65
C ASN A 15 -3.00 13.68 4.64
N LEU A 16 -3.58 13.66 3.45
CA LEU A 16 -3.34 14.69 2.42
C LEU A 16 -1.92 14.70 1.86
N GLY A 17 -1.06 13.79 2.31
CA GLY A 17 0.30 13.79 1.80
C GLY A 17 1.14 12.60 2.25
N ARG A 18 0.50 11.48 2.52
CA ARG A 18 1.21 10.23 2.72
C ARG A 18 0.61 9.16 1.83
N THR A 19 1.17 9.04 0.63
CA THR A 19 0.71 8.04 -0.32
C THR A 19 1.23 6.68 0.10
N TYR A 20 0.39 5.92 0.78
CA TYR A 20 0.79 4.64 1.28
C TYR A 20 -0.01 3.54 0.62
N TYR A 21 0.37 2.32 0.95
CA TYR A 21 -0.28 1.17 0.41
C TYR A 21 -0.82 0.33 1.56
N VAL A 22 -2.12 0.19 1.62
CA VAL A 22 -2.76 -0.47 2.73
C VAL A 22 -3.25 -1.85 2.33
N ASN A 23 -2.74 -2.86 3.01
CA ASN A 23 -3.20 -4.21 2.81
C ASN A 23 -4.58 -4.37 3.43
N HIS A 24 -5.44 -5.17 2.82
CA HIS A 24 -6.78 -5.35 3.33
C HIS A 24 -6.91 -6.68 4.08
N ASN A 25 -6.12 -7.66 3.67
CA ASN A 25 -6.17 -8.98 4.29
C ASN A 25 -5.31 -9.02 5.56
N ASN A 26 -4.10 -8.48 5.49
CA ASN A 26 -3.23 -8.42 6.65
C ASN A 26 -3.28 -7.04 7.28
N ARG A 27 -3.92 -6.11 6.57
CA ARG A 27 -4.09 -4.72 7.00
C ARG A 27 -2.76 -4.04 7.34
N SER A 28 -1.69 -4.51 6.72
CA SER A 28 -0.40 -3.83 6.79
C SER A 28 -0.52 -2.44 6.16
N THR A 29 -0.22 -1.43 6.94
CA THR A 29 -0.43 -0.05 6.50
C THR A 29 0.90 0.69 6.40
N GLN A 30 1.69 0.37 5.38
CA GLN A 30 3.00 0.98 5.21
C GLN A 30 2.99 2.02 4.11
N TRP A 31 3.65 3.12 4.36
CA TRP A 31 3.80 4.19 3.38
C TRP A 31 5.14 4.04 2.67
N HIS A 32 5.76 2.86 2.77
CA HIS A 32 7.08 2.65 2.17
C HIS A 32 7.01 1.66 1.01
N ARG A 33 5.79 1.28 0.65
CA ARG A 33 5.54 0.36 -0.47
C ARG A 33 6.01 -1.06 -0.16
N PRO A 34 5.14 -2.04 -0.36
CA PRO A 34 5.49 -3.45 -0.16
C PRO A 34 6.50 -3.95 -1.20
N SER A 35 7.76 -3.98 -0.80
CA SER A 35 8.83 -4.40 -1.67
C SER A 35 9.10 -5.89 -1.51
N LEU A 36 8.40 -6.71 -2.26
CA LEU A 36 8.57 -8.15 -2.20
C LEU A 36 9.68 -8.57 -3.17
#